data_6ZYU
#
_entry.id   6ZYU
#
_cell.length_a   114.324
_cell.length_b   163.084
_cell.length_c   47.449
_cell.angle_alpha   90.000
_cell.angle_beta   90.000
_cell.angle_gamma   90.000
#
_symmetry.space_group_name_H-M   'P 21 21 2'
#
loop_
_entity.id
_entity.type
_entity.pdbx_description
1 polymer 'Glutamate receptor 2,Glutamate receptor 2'
2 non-polymer 'ZINC ION'
3 non-polymer 'CACODYLATE ION'
4 non-polymer 'ACETATE ION'
5 non-polymer 'GLUTAMIC ACID'
6 non-polymer '(4~{S})-4-cyclopropyl-7-fluoranyl-3,4-dihydro-2~{H}-thiochromene 1,1-dioxide'
7 non-polymer '(4~{R})-4-cyclopropyl-7-fluoranyl-3,4-dihydro-2~{H}-thiochromene 1,1-dioxide'
8 non-polymer GLYCEROL
9 non-polymer 'CHLORIDE ION'
10 water water
#
_entity_poly.entity_id   1
_entity_poly.type   'polypeptide(L)'
_entity_poly.pdbx_seq_one_letter_code
;GANKTVVVTTILESPYVMMKKNHEMLEGNERYEGYCVDLAAEIAKHCGFKYKLTIVGDGKYGARDADTKIWNGMVGELVY
GKADIAIAPLTITYVREEVIDFSKPFMSLGISIMIKKGTPIESAEDLSKQTEIAYGTLDSGSTKEFFRRSKIAVFDKMWT
YMRSAEPSVFVRTTAEGVARVRKSKGKYAYLLESTMNEYIEQRKPCDTMKVGGNLDSKGYGIATPKGSSLGNAVNLAVLK
LSEQGLLDKLKNKWWYDKGECGSG
;
_entity_poly.pdbx_strand_id   A,B,C
#
loop_
_chem_comp.id
_chem_comp.type
_chem_comp.name
_chem_comp.formula
ACT non-polymer 'ACETATE ION' 'C2 H3 O2 -1'
CAC non-polymer 'CACODYLATE ION' 'C2 H6 As O2 -1'
CL non-polymer 'CHLORIDE ION' 'Cl -1'
GOL non-polymer GLYCEROL 'C3 H8 O3'
QSW non-polymer '(4~{R})-4-cyclopropyl-7-fluoranyl-3,4-dihydro-2~{H}-thiochromene 1,1-dioxide' 'C12 H13 F O2 S'
QSZ non-polymer '(4~{S})-4-cyclopropyl-7-fluoranyl-3,4-dihydro-2~{H}-thiochromene 1,1-dioxide' 'C12 H13 F O2 S'
ZN non-polymer 'ZINC ION' 'Zn 2'
#
# COMPACT_ATOMS: atom_id res chain seq x y z
N GLY A 1 -19.51 -42.50 -29.72
CA GLY A 1 -19.88 -43.62 -28.81
C GLY A 1 -21.15 -43.35 -28.04
N ALA A 2 -21.33 -44.07 -26.94
CA ALA A 2 -22.53 -43.92 -26.12
C ALA A 2 -22.69 -42.50 -25.62
N ASN A 3 -23.93 -42.12 -25.34
CA ASN A 3 -24.21 -40.82 -24.75
C ASN A 3 -23.49 -40.71 -23.42
N LYS A 4 -22.95 -39.53 -23.15
CA LYS A 4 -22.18 -39.28 -21.94
C LYS A 4 -22.77 -38.04 -21.27
N THR A 5 -22.72 -38.01 -19.94
CA THR A 5 -23.18 -36.82 -19.23
C THR A 5 -22.29 -35.63 -19.58
N VAL A 6 -22.94 -34.55 -19.98
CA VAL A 6 -22.25 -33.33 -20.39
C VAL A 6 -21.86 -32.55 -19.14
N VAL A 7 -20.58 -32.18 -19.06
CA VAL A 7 -20.09 -31.38 -17.94
C VAL A 7 -20.28 -29.90 -18.24
N VAL A 8 -21.15 -29.26 -17.47
CA VAL A 8 -21.45 -27.84 -17.61
C VAL A 8 -20.63 -27.07 -16.59
N THR A 9 -19.85 -26.11 -17.07
CA THR A 9 -19.18 -25.18 -16.17
C THR A 9 -20.04 -23.92 -16.07
N THR A 10 -20.15 -23.37 -14.86
CA THR A 10 -20.89 -22.14 -14.63
C THR A 10 -20.28 -21.47 -13.41
N ILE A 11 -20.86 -20.36 -12.99
CA ILE A 11 -20.27 -19.52 -11.96
C ILE A 11 -21.36 -19.07 -11.01
N LEU A 12 -21.02 -19.01 -9.72
CA LEU A 12 -21.93 -18.55 -8.69
C LEU A 12 -22.03 -17.04 -8.81
N GLU A 13 -23.11 -16.56 -9.44
CA GLU A 13 -23.34 -15.16 -9.75
C GLU A 13 -24.85 -14.97 -9.75
N SER A 14 -25.35 -14.13 -8.86
CA SER A 14 -26.79 -13.97 -8.76
C SER A 14 -27.29 -13.06 -9.89
N PRO A 15 -28.47 -13.33 -10.45
CA PRO A 15 -29.40 -14.45 -10.18
C PRO A 15 -29.24 -15.59 -11.16
N TYR A 16 -28.06 -15.70 -11.75
CA TYR A 16 -27.83 -16.72 -12.79
C TYR A 16 -27.73 -18.11 -12.20
N VAL A 17 -26.86 -18.28 -11.19
CA VAL A 17 -26.66 -19.56 -10.51
C VAL A 17 -26.45 -19.24 -9.04
N MET A 18 -27.29 -19.81 -8.18
CA MET A 18 -27.24 -19.58 -6.74
C MET A 18 -27.42 -20.92 -6.04
N MET A 19 -26.73 -21.07 -4.92
CA MET A 19 -26.98 -22.22 -4.05
C MET A 19 -28.34 -22.02 -3.39
N LYS A 20 -29.22 -23.02 -3.51
CA LYS A 20 -30.48 -22.95 -2.79
C LYS A 20 -30.21 -22.97 -1.30
N LYS A 21 -31.03 -22.25 -0.56
CA LYS A 21 -30.87 -22.17 0.89
C LYS A 21 -30.89 -23.57 1.50
N ASN A 22 -29.86 -23.85 2.32
CA ASN A 22 -29.70 -25.12 3.02
C ASN A 22 -29.51 -26.33 2.11
N HIS A 23 -28.97 -26.13 0.92
CA HIS A 23 -28.77 -27.24 -0.02
C HIS A 23 -27.30 -27.66 -0.12
N GLU A 24 -26.43 -27.08 0.71
CA GLU A 24 -24.99 -27.31 0.54
C GLU A 24 -24.61 -28.77 0.66
N MET A 25 -25.34 -29.55 1.45
CA MET A 25 -25.02 -30.96 1.70
C MET A 25 -25.78 -31.91 0.79
N LEU A 26 -26.53 -31.40 -0.17
CA LEU A 26 -27.25 -32.23 -1.11
C LEU A 26 -26.36 -32.49 -2.33
N GLU A 27 -26.88 -33.23 -3.30
CA GLU A 27 -26.08 -33.67 -4.42
C GLU A 27 -26.74 -33.31 -5.74
N GLY A 28 -25.90 -33.15 -6.74
CA GLY A 28 -26.26 -32.91 -8.10
C GLY A 28 -26.91 -31.57 -8.35
N ASN A 29 -27.65 -31.53 -9.47
CA ASN A 29 -28.12 -30.27 -10.00
C ASN A 29 -29.16 -29.59 -9.15
N GLU A 30 -29.88 -30.35 -8.32
CA GLU A 30 -30.98 -29.79 -7.56
C GLU A 30 -30.51 -28.79 -6.51
N ARG A 31 -29.21 -28.76 -6.21
CA ARG A 31 -28.69 -27.80 -5.25
C ARG A 31 -28.84 -26.35 -5.74
N TYR A 32 -28.87 -26.13 -7.06
CA TYR A 32 -28.72 -24.79 -7.61
C TYR A 32 -30.02 -24.28 -8.21
N GLU A 33 -30.15 -22.95 -8.21
CA GLU A 33 -31.28 -22.28 -8.84
C GLU A 33 -30.78 -21.03 -9.55
N GLY A 34 -31.56 -20.58 -10.52
CA GLY A 34 -31.30 -19.32 -11.17
C GLY A 34 -31.58 -19.34 -12.65
N TYR A 35 -31.39 -18.19 -13.29
CA TYR A 35 -31.66 -18.06 -14.71
C TYR A 35 -30.89 -19.10 -15.52
N CYS A 36 -29.60 -19.25 -15.24
CA CYS A 36 -28.81 -20.18 -16.05
C CYS A 36 -29.07 -21.64 -15.70
N VAL A 37 -29.55 -21.93 -14.49
CA VAL A 37 -30.00 -23.28 -14.17
C VAL A 37 -31.22 -23.65 -15.00
N ASP A 38 -32.18 -22.71 -15.10
CA ASP A 38 -33.36 -22.94 -15.92
C ASP A 38 -32.98 -23.03 -17.39
N LEU A 39 -32.04 -22.18 -17.84
CA LEU A 39 -31.62 -22.22 -19.23
C LEU A 39 -30.94 -23.55 -19.56
N ALA A 40 -30.03 -24.01 -18.67
CA ALA A 40 -29.36 -25.29 -18.89
C ALA A 40 -30.38 -26.42 -19.05
N ALA A 41 -31.42 -26.44 -18.21
CA ALA A 41 -32.44 -27.48 -18.31
C ALA A 41 -33.11 -27.45 -19.68
N GLU A 42 -33.43 -26.25 -20.19
CA GLU A 42 -34.07 -26.16 -21.50
C GLU A 42 -33.12 -26.53 -22.64
N ILE A 43 -31.90 -26.03 -22.59
CA ILE A 43 -30.93 -26.34 -23.65
C ILE A 43 -30.72 -27.85 -23.72
N ALA A 44 -30.50 -28.47 -22.57
CA ALA A 44 -30.26 -29.90 -22.50
C ALA A 44 -31.46 -30.67 -23.04
N LYS A 45 -32.66 -30.21 -22.73
CA LYS A 45 -33.88 -30.85 -23.22
C LYS A 45 -33.98 -30.73 -24.74
N HIS A 46 -33.72 -29.53 -25.27
CA HIS A 46 -33.88 -29.36 -26.70
C HIS A 46 -32.77 -30.04 -27.47
N CYS A 47 -31.60 -30.21 -26.87
CA CYS A 47 -30.49 -30.90 -27.52
C CYS A 47 -30.39 -32.38 -27.19
N GLY A 48 -31.14 -32.85 -26.20
CA GLY A 48 -31.21 -34.26 -25.87
C GLY A 48 -29.99 -34.80 -25.16
N PHE A 49 -29.48 -34.09 -24.16
CA PHE A 49 -28.36 -34.59 -23.39
C PHE A 49 -28.64 -34.45 -21.90
N LYS A 50 -28.04 -35.33 -21.12
CA LYS A 50 -27.97 -35.26 -19.68
C LYS A 50 -26.74 -34.42 -19.31
N TYR A 51 -26.80 -33.77 -18.16
CA TYR A 51 -25.72 -32.86 -17.81
C TYR A 51 -25.51 -32.84 -16.29
N LYS A 52 -24.34 -32.34 -15.91
CA LYS A 52 -23.96 -32.14 -14.52
C LYS A 52 -23.47 -30.71 -14.39
N LEU A 53 -24.12 -29.92 -13.53
CA LEU A 53 -23.66 -28.57 -13.25
C LEU A 53 -22.44 -28.58 -12.33
N THR A 54 -21.39 -27.86 -12.72
CA THR A 54 -20.18 -27.72 -11.90
C THR A 54 -19.80 -26.24 -11.83
N ILE A 55 -19.35 -25.81 -10.67
CA ILE A 55 -18.93 -24.43 -10.49
C ILE A 55 -17.44 -24.32 -10.84
N VAL A 56 -17.12 -23.38 -11.71
CA VAL A 56 -15.74 -23.18 -12.16
C VAL A 56 -14.82 -23.09 -10.97
N GLY A 57 -13.69 -23.80 -11.05
CA GLY A 57 -12.83 -23.99 -9.91
C GLY A 57 -12.26 -22.70 -9.37
N ASP A 58 -11.83 -21.78 -10.26
CA ASP A 58 -11.17 -20.56 -9.81
C ASP A 58 -12.12 -19.38 -9.67
N GLY A 59 -13.42 -19.58 -9.89
CA GLY A 59 -14.38 -18.52 -9.71
C GLY A 59 -14.30 -17.38 -10.70
N LYS A 60 -13.69 -17.60 -11.85
CA LYS A 60 -13.45 -16.54 -12.80
C LYS A 60 -14.19 -16.80 -14.11
N TYR A 61 -14.40 -15.73 -14.88
CA TYR A 61 -15.06 -15.84 -16.16
C TYR A 61 -14.10 -16.36 -17.21
N GLY A 62 -12.96 -15.71 -17.37
CA GLY A 62 -11.97 -16.17 -18.31
C GLY A 62 -11.15 -15.09 -18.96
N ALA A 63 -9.84 -15.14 -18.73
CA ALA A 63 -8.90 -14.23 -19.34
C ALA A 63 -7.64 -15.03 -19.60
N ARG A 64 -6.84 -14.53 -20.55
CA ARG A 64 -5.59 -15.14 -20.95
C ARG A 64 -4.45 -14.39 -20.29
N ASP A 65 -3.65 -15.10 -19.49
CA ASP A 65 -2.47 -14.51 -18.87
C ASP A 65 -1.47 -14.07 -19.93
N ALA A 66 -1.04 -12.81 -19.86
CA ALA A 66 -0.14 -12.27 -20.89
C ALA A 66 1.22 -12.98 -20.88
N ASP A 67 1.66 -13.45 -19.72
CA ASP A 67 2.98 -14.08 -19.61
C ASP A 67 2.94 -15.56 -19.96
N THR A 68 2.07 -16.33 -19.31
CA THR A 68 2.00 -17.76 -19.54
C THR A 68 1.10 -18.14 -20.70
N LYS A 69 0.24 -17.22 -21.16
CA LYS A 69 -0.69 -17.48 -22.25
C LYS A 69 -1.74 -18.51 -21.87
N ILE A 70 -1.89 -18.80 -20.59
CA ILE A 70 -2.88 -19.77 -20.12
C ILE A 70 -4.21 -19.08 -19.88
N TRP A 71 -5.29 -19.71 -20.34
CA TRP A 71 -6.63 -19.23 -20.07
C TRP A 71 -7.11 -19.70 -18.70
N ASN A 72 -7.74 -18.80 -17.94
CA ASN A 72 -8.33 -19.15 -16.65
C ASN A 72 -9.85 -19.13 -16.77
N GLY A 73 -10.53 -19.32 -15.65
CA GLY A 73 -11.97 -19.23 -15.60
C GLY A 73 -12.68 -20.30 -16.42
N MET A 74 -13.94 -19.98 -16.72
CA MET A 74 -14.75 -20.92 -17.50
C MET A 74 -14.19 -21.10 -18.90
N VAL A 75 -13.64 -20.05 -19.50
CA VAL A 75 -13.03 -20.19 -20.80
C VAL A 75 -11.93 -21.24 -20.73
N GLY A 76 -11.05 -21.13 -19.72
CA GLY A 76 -9.99 -22.13 -19.55
C GLY A 76 -10.53 -23.54 -19.39
N GLU A 77 -11.62 -23.72 -18.63
CA GLU A 77 -12.16 -25.08 -18.47
C GLU A 77 -12.58 -25.67 -19.80
N LEU A 78 -13.13 -24.84 -20.70
CA LEU A 78 -13.44 -25.34 -22.05
C LEU A 78 -12.18 -25.61 -22.85
N VAL A 79 -11.25 -24.66 -22.83
CA VAL A 79 -10.06 -24.75 -23.66
C VAL A 79 -9.27 -26.01 -23.30
N TYR A 80 -9.16 -26.32 -22.02
CA TYR A 80 -8.29 -27.40 -21.59
C TYR A 80 -9.02 -28.71 -21.37
N GLY A 81 -10.30 -28.76 -21.72
CA GLY A 81 -11.04 -30.00 -21.70
C GLY A 81 -11.62 -30.40 -20.36
N LYS A 82 -11.76 -29.47 -19.43
CA LYS A 82 -12.33 -29.78 -18.13
C LYS A 82 -13.85 -29.72 -18.14
N ALA A 83 -14.43 -29.04 -19.09
CA ALA A 83 -15.89 -28.96 -19.20
C ALA A 83 -16.27 -29.03 -20.67
N ASP A 84 -17.51 -29.46 -20.94
CA ASP A 84 -18.02 -29.61 -22.30
C ASP A 84 -18.77 -28.38 -22.79
N ILE A 85 -19.25 -27.55 -21.88
CA ILE A 85 -20.10 -26.42 -22.23
C ILE A 85 -20.11 -25.49 -21.05
N ALA A 86 -20.20 -24.18 -21.33
CA ALA A 86 -20.37 -23.16 -20.32
C ALA A 86 -21.72 -22.51 -20.50
N ILE A 87 -22.54 -22.55 -19.46
CA ILE A 87 -23.86 -21.93 -19.47
C ILE A 87 -23.86 -20.95 -18.31
N ALA A 88 -23.65 -19.68 -18.59
CA ALA A 88 -23.30 -18.67 -17.62
C ALA A 88 -23.41 -17.29 -18.23
N PRO A 89 -23.37 -16.22 -17.42
CA PRO A 89 -23.32 -14.87 -17.98
C PRO A 89 -21.92 -14.59 -18.55
N LEU A 90 -21.56 -15.32 -19.59
CA LEU A 90 -20.25 -15.26 -20.20
C LEU A 90 -20.34 -14.39 -21.45
N THR A 91 -19.59 -13.30 -21.45
CA THR A 91 -19.72 -12.30 -22.49
C THR A 91 -19.03 -12.72 -23.80
N ILE A 92 -19.75 -12.55 -24.90
CA ILE A 92 -19.19 -12.77 -26.23
C ILE A 92 -18.16 -11.69 -26.51
N THR A 93 -16.90 -12.09 -26.74
CA THR A 93 -15.83 -11.18 -27.09
C THR A 93 -15.00 -11.78 -28.21
N TYR A 94 -14.28 -10.90 -28.90
CA TYR A 94 -13.43 -11.31 -30.02
C TYR A 94 -12.36 -12.29 -29.57
N VAL A 95 -11.65 -11.98 -28.47
CA VAL A 95 -10.53 -12.83 -28.09
C VAL A 95 -11.02 -14.19 -27.64
N ARG A 96 -12.21 -14.25 -27.01
CA ARG A 96 -12.75 -15.55 -26.63
C ARG A 96 -13.25 -16.33 -27.83
N GLU A 97 -13.92 -15.66 -28.78
CA GLU A 97 -14.43 -16.33 -29.98
C GLU A 97 -13.30 -16.91 -30.81
N GLU A 98 -12.06 -16.43 -30.63
CA GLU A 98 -10.93 -17.05 -31.33
C GLU A 98 -10.58 -18.42 -30.77
N VAL A 99 -10.90 -18.71 -29.51
CA VAL A 99 -10.47 -19.96 -28.89
C VAL A 99 -11.61 -20.88 -28.48
N ILE A 100 -12.82 -20.37 -28.33
CA ILE A 100 -14.01 -21.17 -28.05
CA ILE A 100 -13.99 -21.22 -28.10
C ILE A 100 -15.13 -20.75 -29.01
N ASP A 101 -16.20 -21.53 -29.06
CA ASP A 101 -17.36 -21.18 -29.88
C ASP A 101 -18.45 -20.62 -28.98
N PHE A 102 -19.13 -19.58 -29.44
CA PHE A 102 -20.31 -19.03 -28.75
C PHE A 102 -21.56 -19.25 -29.58
N SER A 103 -22.66 -19.63 -28.92
CA SER A 103 -23.97 -19.56 -29.53
C SER A 103 -24.33 -18.11 -29.83
N LYS A 104 -25.39 -17.92 -30.64
CA LYS A 104 -26.05 -16.62 -30.66
C LYS A 104 -26.34 -16.20 -29.22
N PRO A 105 -26.42 -14.90 -28.94
CA PRO A 105 -26.60 -14.46 -27.54
C PRO A 105 -27.96 -14.89 -27.01
N PHE A 106 -27.99 -15.22 -25.73
CA PHE A 106 -29.24 -15.47 -25.03
C PHE A 106 -29.68 -14.32 -24.13
N MET A 107 -28.84 -13.31 -23.93
CA MET A 107 -29.20 -12.14 -23.16
C MET A 107 -28.32 -10.99 -23.60
N SER A 108 -28.92 -9.79 -23.68
CA SER A 108 -28.18 -8.58 -24.06
CA SER A 108 -28.20 -8.58 -24.06
C SER A 108 -27.78 -7.82 -22.81
N LEU A 109 -26.66 -7.09 -22.92
CA LEU A 109 -26.19 -6.25 -21.82
C LEU A 109 -25.21 -5.23 -22.38
N GLY A 110 -24.92 -4.24 -21.54
CA GLY A 110 -23.83 -3.32 -21.82
C GLY A 110 -23.19 -2.93 -20.50
N ILE A 111 -21.94 -2.46 -20.58
CA ILE A 111 -21.29 -1.93 -19.40
C ILE A 111 -22.07 -0.73 -18.90
N SER A 112 -22.23 -0.62 -17.58
CA SER A 112 -23.07 0.41 -16.98
C SER A 112 -22.46 0.84 -15.65
N ILE A 113 -22.98 1.93 -15.10
CA ILE A 113 -22.46 2.51 -13.86
C ILE A 113 -23.46 2.24 -12.75
N MET A 114 -22.98 1.67 -11.65
CA MET A 114 -23.72 1.53 -10.41
C MET A 114 -23.21 2.56 -9.40
N ILE A 115 -24.13 3.32 -8.84
CA ILE A 115 -23.82 4.29 -7.80
C ILE A 115 -24.65 3.96 -6.57
N LYS A 116 -24.14 4.36 -5.41
CA LYS A 116 -24.99 4.51 -4.26
C LYS A 116 -25.94 5.69 -4.50
N LYS A 117 -27.21 5.52 -4.14
CA LYS A 117 -28.19 6.58 -4.39
C LYS A 117 -27.69 7.90 -3.83
N GLY A 118 -27.83 8.95 -4.64
CA GLY A 118 -27.43 10.30 -4.25
C GLY A 118 -26.05 10.71 -4.74
N THR A 119 -25.27 9.78 -5.25
CA THR A 119 -23.93 10.09 -5.76
C THR A 119 -24.07 11.06 -6.93
N PRO A 120 -23.29 12.16 -6.95
CA PRO A 120 -23.44 13.16 -8.06
C PRO A 120 -22.69 12.73 -9.32
N ILE A 121 -23.16 11.64 -9.90
CA ILE A 121 -22.59 11.07 -11.11
C ILE A 121 -23.74 10.66 -12.01
N GLU A 122 -23.70 11.07 -13.28
CA GLU A 122 -24.71 10.67 -14.24
C GLU A 122 -24.16 9.96 -15.48
N SER A 123 -22.85 9.88 -15.65
CA SER A 123 -22.31 9.37 -16.91
C SER A 123 -20.86 8.96 -16.70
N ALA A 124 -20.33 8.24 -17.69
CA ALA A 124 -18.90 7.92 -17.69
C ALA A 124 -18.06 9.19 -17.81
N GLU A 125 -18.53 10.14 -18.63
CA GLU A 125 -17.81 11.41 -18.71
C GLU A 125 -17.72 12.07 -17.34
N ASP A 126 -18.83 12.09 -16.58
CA ASP A 126 -18.79 12.65 -15.24
C ASP A 126 -17.72 11.97 -14.39
N LEU A 127 -17.66 10.64 -14.42
CA LEU A 127 -16.65 9.92 -13.65
C LEU A 127 -15.25 10.37 -14.05
N SER A 128 -15.00 10.52 -15.36
CA SER A 128 -13.66 10.77 -15.87
C SER A 128 -13.16 12.18 -15.57
N LYS A 129 -14.06 13.10 -15.26
CA LYS A 129 -13.71 14.51 -15.06
C LYS A 129 -13.54 14.88 -13.59
N GLN A 130 -13.48 13.90 -12.70
CA GLN A 130 -13.37 14.17 -11.28
C GLN A 130 -12.52 13.08 -10.64
N THR A 131 -12.14 13.32 -9.38
CA THR A 131 -11.30 12.38 -8.64
C THR A 131 -11.81 12.05 -7.24
N GLU A 132 -12.83 12.75 -6.73
CA GLU A 132 -13.32 12.47 -5.39
C GLU A 132 -13.93 11.07 -5.32
N ILE A 133 -14.58 10.64 -6.37
CA ILE A 133 -15.26 9.35 -6.41
C ILE A 133 -14.40 8.37 -7.18
N ALA A 134 -13.98 7.30 -6.51
CA ALA A 134 -13.24 6.21 -7.15
C ALA A 134 -14.20 5.30 -7.90
N TYR A 135 -13.65 4.52 -8.83
CA TYR A 135 -14.47 3.62 -9.63
C TYR A 135 -13.60 2.51 -10.19
N GLY A 136 -14.20 1.35 -10.35
CA GLY A 136 -13.45 0.19 -10.80
C GLY A 136 -14.36 -0.85 -11.42
N THR A 137 -13.77 -2.03 -11.69
CA THR A 137 -14.46 -3.09 -12.38
C THR A 137 -14.13 -4.42 -11.71
N LEU A 138 -14.79 -5.46 -12.20
CA LEU A 138 -14.40 -6.82 -11.84
C LEU A 138 -13.02 -7.10 -12.41
N ASP A 139 -12.21 -7.80 -11.62
N ASP A 139 -12.21 -7.82 -11.64
CA ASP A 139 -10.93 -8.30 -12.11
CA ASP A 139 -10.77 -7.80 -11.88
C ASP A 139 -11.15 -9.48 -13.04
C ASP A 139 -10.28 -8.69 -13.00
N SER A 140 -10.43 -9.48 -14.16
N SER A 140 -11.11 -9.60 -13.54
CA SER A 140 -10.30 -10.65 -15.02
CA SER A 140 -10.63 -10.53 -14.56
C SER A 140 -11.56 -10.96 -15.83
C SER A 140 -11.73 -10.93 -15.54
N GLY A 141 -12.33 -9.93 -16.15
CA GLY A 141 -13.50 -10.13 -16.98
C GLY A 141 -13.53 -9.25 -18.20
N SER A 142 -14.65 -9.27 -18.95
CA SER A 142 -14.72 -8.51 -20.19
C SER A 142 -14.83 -7.00 -19.93
N THR A 143 -15.37 -6.58 -18.79
CA THR A 143 -15.43 -5.15 -18.53
C THR A 143 -14.04 -4.57 -18.36
N LYS A 144 -13.18 -5.23 -17.59
CA LYS A 144 -11.84 -4.69 -17.41
C LYS A 144 -11.13 -4.59 -18.76
N GLU A 145 -11.26 -5.63 -19.58
CA GLU A 145 -10.59 -5.62 -20.88
CA GLU A 145 -10.61 -5.64 -20.89
C GLU A 145 -11.15 -4.54 -21.80
N PHE A 146 -12.45 -4.26 -21.73
CA PHE A 146 -13.04 -3.16 -22.49
C PHE A 146 -12.28 -1.86 -22.22
N PHE A 147 -12.05 -1.54 -20.95
CA PHE A 147 -11.32 -0.30 -20.65
C PHE A 147 -9.85 -0.40 -21.04
N ARG A 148 -9.25 -1.57 -20.82
CA ARG A 148 -7.84 -1.73 -21.18
C ARG A 148 -7.61 -1.48 -22.67
N ARG A 149 -8.57 -1.87 -23.51
CA ARG A 149 -8.40 -1.84 -24.95
C ARG A 149 -9.01 -0.62 -25.63
N SER A 150 -9.80 0.18 -24.92
CA SER A 150 -10.57 1.22 -25.57
C SER A 150 -9.69 2.37 -26.04
N LYS A 151 -9.99 2.86 -27.25
CA LYS A 151 -9.36 4.05 -27.78
C LYS A 151 -10.29 5.27 -27.74
N ILE A 152 -11.45 5.12 -27.13
CA ILE A 152 -12.38 6.25 -26.98
C ILE A 152 -11.89 7.13 -25.85
N ALA A 153 -11.81 8.45 -26.11
CA ALA A 153 -11.10 9.35 -25.21
C ALA A 153 -11.53 9.20 -23.75
N VAL A 154 -12.85 9.21 -23.50
CA VAL A 154 -13.31 9.15 -22.11
C VAL A 154 -12.92 7.82 -21.45
N PHE A 155 -13.07 6.71 -22.17
CA PHE A 155 -12.79 5.41 -21.57
C PHE A 155 -11.30 5.20 -21.41
N ASP A 156 -10.51 5.77 -22.32
CA ASP A 156 -9.05 5.75 -22.16
C ASP A 156 -8.63 6.50 -20.91
N LYS A 157 -9.23 7.68 -20.69
CA LYS A 157 -8.93 8.44 -19.48
C LYS A 157 -9.30 7.67 -18.24
N MET A 158 -10.45 6.99 -18.24
CA MET A 158 -10.86 6.19 -17.10
C MET A 158 -9.89 5.02 -16.87
N TRP A 159 -9.45 4.37 -17.94
CA TRP A 159 -8.50 3.27 -17.79
C TRP A 159 -7.18 3.76 -17.22
N THR A 160 -6.68 4.88 -17.73
CA THR A 160 -5.42 5.41 -17.22
C THR A 160 -5.48 5.62 -15.71
N TYR A 161 -6.63 6.09 -15.22
CA TYR A 161 -6.82 6.24 -13.78
C TYR A 161 -6.95 4.88 -13.09
N MET A 162 -7.81 4.00 -13.60
CA MET A 162 -8.09 2.78 -12.86
C MET A 162 -6.87 1.88 -12.74
N ARG A 163 -6.07 1.78 -13.81
CA ARG A 163 -5.00 0.80 -13.82
C ARG A 163 -3.91 1.09 -12.81
N SER A 164 -3.78 2.33 -12.33
CA SER A 164 -2.74 2.69 -11.37
CA SER A 164 -2.75 2.69 -11.37
C SER A 164 -3.30 3.19 -10.05
N ALA A 165 -4.61 3.21 -9.89
CA ALA A 165 -5.21 3.72 -8.65
C ALA A 165 -4.88 2.79 -7.49
N GLU A 166 -4.59 3.39 -6.34
CA GLU A 166 -4.25 2.63 -5.13
C GLU A 166 -5.08 3.17 -3.98
N PRO A 167 -5.74 2.32 -3.18
CA PRO A 167 -5.79 0.85 -3.31
C PRO A 167 -6.51 0.46 -4.60
N SER A 168 -6.39 -0.79 -4.98
CA SER A 168 -6.95 -1.30 -6.20
C SER A 168 -8.43 -0.97 -6.23
N VAL A 169 -8.88 -0.49 -7.39
CA VAL A 169 -10.31 -0.27 -7.60
C VAL A 169 -11.01 -1.49 -8.15
N PHE A 170 -10.25 -2.56 -8.42
CA PHE A 170 -10.82 -3.79 -8.98
C PHE A 170 -11.23 -4.70 -7.85
N VAL A 171 -12.24 -5.53 -8.09
CA VAL A 171 -12.78 -6.43 -7.10
C VAL A 171 -12.79 -7.85 -7.64
N ARG A 172 -12.87 -8.81 -6.72
CA ARG A 172 -12.78 -10.22 -7.11
C ARG A 172 -14.09 -10.79 -7.56
N THR A 173 -15.20 -10.28 -7.05
CA THR A 173 -16.52 -10.78 -7.39
C THR A 173 -17.48 -9.60 -7.47
N THR A 174 -18.57 -9.78 -8.21
CA THR A 174 -19.61 -8.76 -8.26
C THR A 174 -20.10 -8.39 -6.87
N ALA A 175 -20.27 -9.39 -6.00
CA ALA A 175 -20.74 -9.11 -4.66
C ALA A 175 -19.81 -8.15 -3.94
N GLU A 176 -18.49 -8.30 -4.14
CA GLU A 176 -17.53 -7.40 -3.52
C GLU A 176 -17.66 -5.98 -4.06
N GLY A 177 -17.90 -5.84 -5.36
CA GLY A 177 -18.09 -4.51 -5.92
C GLY A 177 -19.33 -3.82 -5.38
N VAL A 178 -20.45 -4.57 -5.29
CA VAL A 178 -21.68 -4.02 -4.73
C VAL A 178 -21.47 -3.62 -3.28
N ALA A 179 -20.87 -4.50 -2.48
CA ALA A 179 -20.62 -4.17 -1.08
C ALA A 179 -19.77 -2.91 -0.97
N ARG A 180 -18.78 -2.76 -1.85
CA ARG A 180 -17.92 -1.57 -1.79
C ARG A 180 -18.70 -0.31 -2.11
N VAL A 181 -19.56 -0.33 -3.14
CA VAL A 181 -20.44 0.81 -3.39
C VAL A 181 -21.26 1.12 -2.12
N ARG A 182 -21.88 0.09 -1.55
CA ARG A 182 -22.83 0.32 -0.47
C ARG A 182 -22.17 0.85 0.77
N LYS A 183 -20.90 0.53 1.03
CA LYS A 183 -20.25 0.98 2.26
C LYS A 183 -19.36 2.21 2.06
N SER A 184 -19.24 2.73 0.85
CA SER A 184 -18.28 3.82 0.63
C SER A 184 -18.92 5.20 0.66
N LYS A 185 -20.18 5.29 1.10
CA LYS A 185 -20.82 6.58 1.31
C LYS A 185 -20.82 7.44 0.07
N GLY A 186 -20.88 6.81 -1.11
CA GLY A 186 -20.93 7.52 -2.36
C GLY A 186 -19.60 7.77 -3.01
N LYS A 187 -18.50 7.31 -2.41
CA LYS A 187 -17.15 7.60 -2.90
C LYS A 187 -16.59 6.48 -3.75
N TYR A 188 -17.38 5.44 -4.04
CA TYR A 188 -17.00 4.40 -4.98
C TYR A 188 -18.19 4.13 -5.89
N ALA A 189 -17.95 4.13 -7.19
CA ALA A 189 -18.93 3.70 -8.18
C ALA A 189 -18.40 2.46 -8.87
N TYR A 190 -19.27 1.51 -9.20
CA TYR A 190 -18.86 0.23 -9.73
C TYR A 190 -19.30 0.12 -11.19
N LEU A 191 -18.37 -0.25 -12.06
CA LEU A 191 -18.65 -0.41 -13.49
C LEU A 191 -18.91 -1.90 -13.75
N LEU A 192 -20.13 -2.25 -14.13
CA LEU A 192 -20.52 -3.65 -14.26
C LEU A 192 -21.59 -3.76 -15.33
N GLU A 193 -21.89 -5.01 -15.71
CA GLU A 193 -22.81 -5.23 -16.81
C GLU A 193 -24.25 -4.90 -16.38
N SER A 194 -25.00 -4.32 -17.32
CA SER A 194 -26.29 -3.73 -17.00
C SER A 194 -27.25 -4.74 -16.40
N THR A 195 -27.15 -6.00 -16.81
CA THR A 195 -27.96 -7.08 -16.24
C THR A 195 -27.74 -7.24 -14.74
N MET A 196 -26.49 -7.30 -14.31
CA MET A 196 -26.19 -7.41 -12.88
CA MET A 196 -26.22 -7.41 -12.88
C MET A 196 -26.60 -6.13 -12.15
N ASN A 197 -26.37 -4.99 -12.78
CA ASN A 197 -26.74 -3.71 -12.20
C ASN A 197 -28.24 -3.66 -11.94
N GLU A 198 -29.03 -3.99 -12.97
CA GLU A 198 -30.48 -3.92 -12.86
CA GLU A 198 -30.47 -3.90 -12.83
C GLU A 198 -31.03 -4.96 -11.87
N TYR A 199 -30.35 -6.10 -11.74
CA TYR A 199 -30.76 -7.06 -10.71
C TYR A 199 -30.56 -6.48 -9.30
N ILE A 200 -29.37 -5.94 -9.04
CA ILE A 200 -29.04 -5.44 -7.70
C ILE A 200 -29.93 -4.25 -7.35
N GLU A 201 -30.30 -3.45 -8.34
CA GLU A 201 -31.18 -2.32 -8.13
C GLU A 201 -32.52 -2.75 -7.53
N GLN A 202 -32.93 -4.00 -7.77
CA GLN A 202 -34.20 -4.49 -7.24
C GLN A 202 -34.01 -5.37 -6.02
N ARG A 203 -32.85 -5.31 -5.37
CA ARG A 203 -32.60 -6.08 -4.16
CA ARG A 203 -32.59 -6.09 -4.16
C ARG A 203 -32.45 -5.17 -2.96
N LYS A 204 -33.02 -5.57 -1.83
CA LYS A 204 -32.80 -4.84 -0.59
C LYS A 204 -31.31 -4.73 -0.33
N PRO A 205 -30.85 -3.65 0.31
CA PRO A 205 -31.64 -2.56 0.89
C PRO A 205 -31.99 -1.45 -0.09
N CYS A 206 -31.98 -1.71 -1.39
CA CYS A 206 -32.51 -0.78 -2.38
C CYS A 206 -31.78 0.56 -2.34
N ASP A 207 -30.46 0.53 -2.25
CA ASP A 207 -29.69 1.75 -2.05
C ASP A 207 -28.72 2.02 -3.20
N THR A 208 -28.80 1.24 -4.27
CA THR A 208 -27.99 1.45 -5.45
C THR A 208 -28.88 1.77 -6.64
N MET A 209 -28.29 2.34 -7.69
CA MET A 209 -29.05 2.52 -8.92
C MET A 209 -28.12 2.58 -10.11
N LYS A 210 -28.65 2.19 -11.25
CA LYS A 210 -27.95 2.30 -12.51
C LYS A 210 -28.14 3.70 -13.03
N VAL A 211 -27.05 4.36 -13.44
CA VAL A 211 -27.17 5.72 -13.94
C VAL A 211 -26.53 5.82 -15.32
N GLY A 212 -27.10 6.68 -16.14
CA GLY A 212 -26.58 6.93 -17.48
C GLY A 212 -26.92 5.80 -18.45
N GLY A 213 -26.55 6.00 -19.71
CA GLY A 213 -26.70 4.97 -20.71
C GLY A 213 -25.61 3.94 -20.59
N ASN A 214 -25.76 2.84 -21.32
CA ASN A 214 -24.72 1.82 -21.30
C ASN A 214 -23.53 2.29 -22.14
N LEU A 215 -22.35 1.81 -21.78
CA LEU A 215 -21.16 2.21 -22.47
C LEU A 215 -20.91 1.41 -23.74
N ASP A 216 -21.46 0.21 -23.84
CA ASP A 216 -21.33 -0.60 -25.04
C ASP A 216 -22.56 -1.48 -25.14
N SER A 217 -22.56 -2.34 -26.16
CA SER A 217 -23.71 -3.21 -26.41
C SER A 217 -23.19 -4.57 -26.85
N LYS A 218 -23.56 -5.60 -26.11
CA LYS A 218 -23.11 -6.95 -26.44
C LYS A 218 -24.05 -7.95 -25.77
N GLY A 219 -23.55 -9.18 -25.60
CA GLY A 219 -24.43 -10.21 -25.03
C GLY A 219 -23.65 -11.37 -24.44
N TYR A 220 -24.40 -12.21 -23.73
CA TYR A 220 -23.89 -13.47 -23.22
C TYR A 220 -24.23 -14.55 -24.23
N GLY A 221 -23.32 -15.50 -24.39
CA GLY A 221 -23.58 -16.66 -25.22
C GLY A 221 -23.18 -17.93 -24.50
N ILE A 222 -23.78 -19.03 -24.94
CA ILE A 222 -23.38 -20.35 -24.48
CA ILE A 222 -23.39 -20.35 -24.48
C ILE A 222 -22.12 -20.75 -25.22
N ALA A 223 -21.12 -21.20 -24.48
CA ALA A 223 -19.82 -21.48 -25.06
C ALA A 223 -19.51 -22.97 -25.05
N THR A 224 -18.89 -23.42 -26.13
CA THR A 224 -18.43 -24.79 -26.27
C THR A 224 -17.00 -24.77 -26.78
N PRO A 225 -16.23 -25.83 -26.53
CA PRO A 225 -14.90 -25.93 -27.11
C PRO A 225 -14.97 -25.88 -28.63
N LYS A 226 -13.89 -25.39 -29.24
CA LYS A 226 -13.80 -25.36 -30.70
C LYS A 226 -14.06 -26.73 -31.29
N GLY A 227 -14.98 -26.78 -32.25
CA GLY A 227 -15.27 -28.02 -32.93
C GLY A 227 -16.13 -28.99 -32.18
N SER A 228 -16.72 -28.59 -31.05
CA SER A 228 -17.57 -29.51 -30.29
C SER A 228 -18.79 -29.90 -31.11
N SER A 229 -19.20 -31.16 -30.96
CA SER A 229 -20.40 -31.61 -31.67
C SER A 229 -21.67 -30.96 -31.14
N LEU A 230 -21.61 -30.34 -29.95
CA LEU A 230 -22.79 -29.71 -29.37
C LEU A 230 -23.11 -28.34 -29.94
N GLY A 231 -22.15 -27.67 -30.58
CA GLY A 231 -22.33 -26.25 -30.90
C GLY A 231 -23.52 -25.97 -31.81
N ASN A 232 -23.69 -26.78 -32.84
CA ASN A 232 -24.77 -26.47 -33.80
C ASN A 232 -26.14 -26.55 -33.14
N ALA A 233 -26.40 -27.65 -32.42
CA ALA A 233 -27.69 -27.83 -31.76
C ALA A 233 -27.90 -26.78 -30.66
N VAL A 234 -26.84 -26.44 -29.92
CA VAL A 234 -26.98 -25.44 -28.87
C VAL A 234 -27.38 -24.10 -29.46
N ASN A 235 -26.75 -23.73 -30.58
CA ASN A 235 -27.03 -22.47 -31.22
C ASN A 235 -28.49 -22.39 -31.66
N LEU A 236 -28.98 -23.43 -32.32
CA LEU A 236 -30.39 -23.44 -32.73
C LEU A 236 -31.32 -23.43 -31.52
N ALA A 237 -30.95 -24.11 -30.44
CA ALA A 237 -31.78 -24.14 -29.26
C ALA A 237 -31.95 -22.76 -28.65
N VAL A 238 -30.86 -21.97 -28.63
CA VAL A 238 -30.97 -20.60 -28.13
C VAL A 238 -31.96 -19.79 -28.96
N LEU A 239 -31.86 -19.90 -30.29
CA LEU A 239 -32.78 -19.17 -31.16
C LEU A 239 -34.23 -19.63 -30.95
N LYS A 240 -34.42 -20.94 -30.73
CA LYS A 240 -35.77 -21.43 -30.49
C LYS A 240 -36.33 -20.87 -29.20
N LEU A 241 -35.51 -20.92 -28.13
CA LEU A 241 -35.93 -20.35 -26.84
C LEU A 241 -36.23 -18.85 -26.96
N SER A 242 -35.41 -18.13 -27.72
CA SER A 242 -35.66 -16.73 -27.97
C SER A 242 -37.00 -16.51 -28.64
N GLU A 243 -37.26 -17.23 -29.74
CA GLU A 243 -38.46 -17.02 -30.53
C GLU A 243 -39.70 -17.50 -29.79
N GLN A 244 -39.55 -18.45 -28.88
CA GLN A 244 -40.70 -18.87 -28.08
C GLN A 244 -41.04 -17.90 -26.95
N GLY A 245 -40.20 -16.92 -26.69
CA GLY A 245 -40.43 -16.03 -25.57
C GLY A 245 -39.93 -16.56 -24.24
N LEU A 246 -39.26 -17.70 -24.23
CA LEU A 246 -38.83 -18.31 -22.97
CA LEU A 246 -38.87 -18.28 -22.95
C LEU A 246 -37.75 -17.47 -22.30
N LEU A 247 -36.82 -16.94 -23.10
CA LEU A 247 -35.76 -16.12 -22.51
C LEU A 247 -36.33 -14.88 -21.83
N ASP A 248 -37.34 -14.25 -22.46
CA ASP A 248 -38.02 -13.13 -21.83
C ASP A 248 -38.69 -13.53 -20.51
N LYS A 249 -39.39 -14.68 -20.51
CA LYS A 249 -40.05 -15.14 -19.30
CA LYS A 249 -40.04 -15.15 -19.30
C LYS A 249 -39.04 -15.42 -18.19
N LEU A 250 -37.88 -15.99 -18.52
CA LEU A 250 -36.88 -16.27 -17.50
C LEU A 250 -36.28 -15.00 -16.94
N LYS A 251 -36.05 -14.00 -17.78
CA LYS A 251 -35.52 -12.74 -17.27
C LYS A 251 -36.50 -12.13 -16.27
N ASN A 252 -37.78 -12.05 -16.65
CA ASN A 252 -38.76 -11.53 -15.73
C ASN A 252 -38.82 -12.34 -14.44
N LYS A 253 -38.74 -13.67 -14.56
CA LYS A 253 -38.80 -14.53 -13.37
C LYS A 253 -37.71 -14.20 -12.38
N TRP A 254 -36.48 -14.01 -12.85
CA TRP A 254 -35.34 -13.88 -11.94
C TRP A 254 -34.95 -12.43 -11.66
N TRP A 255 -35.43 -11.47 -12.43
CA TRP A 255 -35.10 -10.06 -12.15
C TRP A 255 -36.22 -9.31 -11.43
N TYR A 256 -37.42 -9.41 -11.94
CA TYR A 256 -38.50 -8.49 -11.60
C TYR A 256 -39.65 -9.14 -10.86
N ASP A 257 -40.03 -10.38 -11.22
CA ASP A 257 -41.05 -11.07 -10.44
C ASP A 257 -40.64 -11.18 -8.98
N LYS A 258 -39.34 -11.32 -8.72
CA LYS A 258 -38.81 -11.46 -7.37
C LYS A 258 -38.20 -10.17 -6.84
N GLY A 259 -38.53 -9.03 -7.46
CA GLY A 259 -37.96 -7.76 -7.02
C GLY A 259 -38.39 -7.42 -5.60
N GLU A 260 -37.44 -6.90 -4.82
CA GLU A 260 -37.67 -6.57 -3.41
C GLU A 260 -37.83 -5.08 -3.15
N CYS A 261 -37.83 -4.24 -4.18
CA CYS A 261 -37.87 -2.80 -4.01
C CYS A 261 -39.16 -2.20 -4.56
N GLY A 262 -40.26 -2.94 -4.47
CA GLY A 262 -41.55 -2.45 -4.94
C GLY A 262 -41.84 -2.87 -6.36
N SER A 263 -42.93 -2.32 -6.89
CA SER A 263 -43.35 -2.58 -8.26
C SER A 263 -42.58 -1.72 -9.25
N GLY B 1 9.84 -24.55 -8.06
CA GLY B 1 8.70 -25.45 -8.43
C GLY B 1 7.43 -24.69 -8.68
N ALA B 2 6.30 -25.39 -8.60
CA ALA B 2 5.00 -24.76 -8.82
C ALA B 2 4.76 -23.66 -7.80
N ASN B 3 3.96 -22.67 -8.19
CA ASN B 3 3.61 -21.61 -7.27
C ASN B 3 2.89 -22.20 -6.05
N LYS B 4 3.23 -21.70 -4.88
CA LYS B 4 2.71 -22.21 -3.63
C LYS B 4 2.13 -21.05 -2.84
N THR B 5 1.07 -21.33 -2.10
CA THR B 5 0.45 -20.30 -1.28
C THR B 5 1.42 -19.83 -0.21
N VAL B 6 1.60 -18.54 -0.12
CA VAL B 6 2.53 -17.93 0.82
C VAL B 6 1.88 -17.90 2.19
N VAL B 7 2.56 -18.44 3.21
CA VAL B 7 2.05 -18.43 4.56
C VAL B 7 2.48 -17.11 5.22
N VAL B 8 1.51 -16.28 5.55
CA VAL B 8 1.73 -14.98 6.17
C VAL B 8 1.49 -15.15 7.67
N THR B 9 2.47 -14.78 8.49
CA THR B 9 2.27 -14.72 9.93
C THR B 9 1.93 -13.27 10.31
N THR B 10 0.95 -13.11 11.19
CA THR B 10 0.57 -11.79 11.67
C THR B 10 0.02 -11.96 13.09
N ILE B 11 -0.43 -10.84 13.66
CA ILE B 11 -0.78 -10.81 15.09
C ILE B 11 -2.08 -10.04 15.24
N LEU B 12 -2.92 -10.49 16.16
CA LEU B 12 -4.18 -9.78 16.46
C LEU B 12 -3.85 -8.56 17.29
N GLU B 13 -3.80 -7.40 16.64
CA GLU B 13 -3.42 -6.14 17.25
C GLU B 13 -4.20 -5.06 16.51
N SER B 14 -5.07 -4.36 17.20
CA SER B 14 -5.91 -3.39 16.49
C SER B 14 -5.11 -2.12 16.18
N PRO B 15 -5.34 -1.48 15.02
CA PRO B 15 -6.28 -1.84 13.95
C PRO B 15 -5.61 -2.58 12.81
N TYR B 16 -4.48 -3.21 13.11
CA TYR B 16 -3.69 -3.87 12.08
C TYR B 16 -4.36 -5.13 11.60
N VAL B 17 -4.75 -6.00 12.53
CA VAL B 17 -5.47 -7.23 12.23
C VAL B 17 -6.50 -7.44 13.33
N MET B 18 -7.76 -7.58 12.95
CA MET B 18 -8.86 -7.76 13.89
C MET B 18 -9.79 -8.81 13.30
N MET B 19 -10.45 -9.55 14.20
CA MET B 19 -11.51 -10.44 13.78
C MET B 19 -12.71 -9.62 13.31
N LYS B 20 -13.23 -9.94 12.13
CA LYS B 20 -14.50 -9.36 11.71
C LYS B 20 -15.64 -9.76 12.66
N LYS B 21 -16.63 -8.89 12.79
CA LYS B 21 -17.76 -9.16 13.67
C LYS B 21 -18.40 -10.51 13.35
N ASN B 22 -18.50 -10.84 12.07
CA ASN B 22 -19.16 -12.05 11.58
C ASN B 22 -18.15 -13.11 11.15
N HIS B 23 -17.02 -13.23 11.85
CA HIS B 23 -15.95 -14.08 11.32
C HIS B 23 -16.32 -15.55 11.41
N GLU B 24 -17.25 -15.92 12.29
CA GLU B 24 -17.63 -17.31 12.44
C GLU B 24 -18.25 -17.89 11.18
N MET B 25 -18.91 -17.07 10.37
CA MET B 25 -19.50 -17.54 9.13
C MET B 25 -18.64 -17.26 7.90
N LEU B 26 -17.45 -16.71 8.07
CA LEU B 26 -16.52 -16.50 6.97
C LEU B 26 -15.39 -17.54 7.02
N GLU B 27 -14.57 -17.55 5.97
CA GLU B 27 -13.52 -18.56 5.85
C GLU B 27 -12.21 -17.93 5.40
N GLY B 28 -11.09 -18.53 5.82
CA GLY B 28 -9.82 -18.07 5.29
C GLY B 28 -9.52 -16.63 5.64
N ASN B 29 -8.87 -15.94 4.70
CA ASN B 29 -8.44 -14.57 4.91
C ASN B 29 -9.63 -13.64 5.14
N GLU B 30 -10.82 -14.04 4.72
CA GLU B 30 -11.99 -13.18 4.88
C GLU B 30 -12.41 -13.01 6.34
N ARG B 31 -11.87 -13.83 7.24
CA ARG B 31 -12.21 -13.70 8.66
C ARG B 31 -11.68 -12.42 9.27
N TYR B 32 -10.67 -11.81 8.66
CA TYR B 32 -9.89 -10.76 9.28
C TYR B 32 -10.05 -9.44 8.56
N GLU B 33 -9.87 -8.34 9.30
CA GLU B 33 -9.88 -7.02 8.70
C GLU B 33 -8.83 -6.16 9.41
N GLY B 34 -8.41 -5.11 8.72
CA GLY B 34 -7.51 -4.15 9.33
C GLY B 34 -6.42 -3.66 8.40
N TYR B 35 -5.58 -2.77 8.90
CA TYR B 35 -4.54 -2.15 8.08
C TYR B 35 -3.64 -3.20 7.43
N CYS B 36 -3.16 -4.16 8.20
CA CYS B 36 -2.24 -5.14 7.64
C CYS B 36 -2.95 -6.15 6.78
N VAL B 37 -4.25 -6.36 6.99
CA VAL B 37 -5.03 -7.20 6.08
C VAL B 37 -5.10 -6.53 4.71
N ASP B 38 -5.36 -5.22 4.67
CA ASP B 38 -5.41 -4.49 3.42
C ASP B 38 -4.02 -4.45 2.76
N LEU B 39 -2.98 -4.24 3.57
CA LEU B 39 -1.62 -4.20 3.03
C LEU B 39 -1.21 -5.56 2.46
N ALA B 40 -1.54 -6.64 3.17
CA ALA B 40 -1.21 -7.97 2.68
C ALA B 40 -1.80 -8.22 1.31
N ALA B 41 -3.06 -7.83 1.11
CA ALA B 41 -3.72 -8.01 -0.17
C ALA B 41 -2.99 -7.24 -1.27
N GLU B 42 -2.56 -6.00 -0.97
CA GLU B 42 -1.86 -5.20 -1.97
C GLU B 42 -0.46 -5.77 -2.25
N ILE B 43 0.28 -6.14 -1.22
CA ILE B 43 1.62 -6.70 -1.43
C ILE B 43 1.53 -7.94 -2.29
N ALA B 44 0.58 -8.83 -1.96
CA ALA B 44 0.42 -10.07 -2.72
C ALA B 44 0.03 -9.82 -4.17
N LYS B 45 -0.88 -8.86 -4.41
CA LYS B 45 -1.30 -8.59 -5.77
C LYS B 45 -0.15 -8.00 -6.59
N HIS B 46 0.63 -7.09 -6.00
CA HIS B 46 1.72 -6.46 -6.72
C HIS B 46 2.92 -7.38 -6.89
N CYS B 47 3.09 -8.35 -6.02
CA CYS B 47 4.17 -9.32 -6.16
C CYS B 47 3.70 -10.61 -6.85
N GLY B 48 2.40 -10.78 -7.03
CA GLY B 48 1.89 -11.91 -7.76
C GLY B 48 1.90 -13.25 -7.05
N PHE B 49 1.45 -13.30 -5.79
CA PHE B 49 1.36 -14.57 -5.09
C PHE B 49 0.04 -14.68 -4.36
N LYS B 50 -0.41 -15.91 -4.18
CA LYS B 50 -1.53 -16.22 -3.29
C LYS B 50 -0.99 -16.41 -1.88
N TYR B 51 -1.83 -16.15 -0.88
CA TYR B 51 -1.34 -16.18 0.50
C TYR B 51 -2.44 -16.65 1.45
N LYS B 52 -2.02 -17.06 2.63
CA LYS B 52 -2.90 -17.47 3.71
C LYS B 52 -2.48 -16.71 4.96
N LEU B 53 -3.38 -15.91 5.52
CA LEU B 53 -3.11 -15.21 6.78
C LEU B 53 -3.24 -16.19 7.94
N THR B 54 -2.25 -16.20 8.81
CA THR B 54 -2.27 -17.06 10.00
C THR B 54 -1.87 -16.20 11.20
N ILE B 55 -2.55 -16.39 12.32
CA ILE B 55 -2.24 -15.63 13.52
C ILE B 55 -1.15 -16.36 14.29
N VAL B 56 -0.08 -15.64 14.62
CA VAL B 56 1.06 -16.24 15.31
C VAL B 56 0.59 -17.01 16.53
N GLY B 57 1.12 -18.23 16.68
CA GLY B 57 0.59 -19.14 17.68
C GLY B 57 0.74 -18.65 19.11
N ASP B 58 1.89 -18.06 19.44
CA ASP B 58 2.12 -17.67 20.84
C ASP B 58 1.74 -16.21 21.12
N GLY B 59 1.18 -15.51 20.13
CA GLY B 59 0.71 -14.16 20.33
C GLY B 59 1.79 -13.13 20.58
N LYS B 60 3.01 -13.40 20.19
CA LYS B 60 4.14 -12.52 20.48
C LYS B 60 4.77 -11.96 19.20
N TYR B 61 5.48 -10.85 19.36
CA TYR B 61 6.17 -10.23 18.23
C TYR B 61 7.47 -10.93 17.91
N GLY B 62 8.31 -11.13 18.91
CA GLY B 62 9.53 -11.87 18.66
C GLY B 62 10.69 -11.41 19.50
N ALA B 63 11.18 -12.33 20.32
CA ALA B 63 12.34 -12.09 21.16
C ALA B 63 13.13 -13.39 21.25
N ARG B 64 14.41 -13.24 21.52
CA ARG B 64 15.33 -14.37 21.63
C ARG B 64 15.51 -14.65 23.11
N ASP B 65 15.17 -15.87 23.53
CA ASP B 65 15.38 -16.26 24.91
C ASP B 65 16.87 -16.26 25.25
N ALA B 66 17.23 -15.56 26.32
CA ALA B 66 18.64 -15.44 26.69
C ALA B 66 19.24 -16.80 27.05
N ASP B 67 18.42 -17.72 27.58
CA ASP B 67 18.89 -19.02 28.03
C ASP B 67 18.90 -20.06 26.91
N THR B 68 17.76 -20.25 26.25
CA THR B 68 17.65 -21.25 25.20
C THR B 68 18.07 -20.73 23.83
N LYS B 69 18.13 -19.42 23.65
CA LYS B 69 18.48 -18.81 22.37
C LYS B 69 17.42 -19.05 21.30
N ILE B 70 16.23 -19.50 21.69
CA ILE B 70 15.15 -19.75 20.74
C ILE B 70 14.35 -18.46 20.53
N TRP B 71 14.04 -18.16 19.27
CA TRP B 71 13.20 -17.02 18.96
C TRP B 71 11.74 -17.41 19.08
N ASN B 72 10.94 -16.53 19.70
CA ASN B 72 9.52 -16.76 19.80
C ASN B 72 8.78 -15.81 18.87
N GLY B 73 7.45 -15.83 18.94
CA GLY B 73 6.69 -14.85 18.17
C GLY B 73 6.78 -15.01 16.65
N MET B 74 6.43 -13.92 15.96
CA MET B 74 6.45 -13.91 14.50
C MET B 74 7.87 -14.08 13.98
N VAL B 75 8.85 -13.47 14.64
CA VAL B 75 10.23 -13.67 14.23
C VAL B 75 10.56 -15.16 14.23
N GLY B 76 10.20 -15.86 15.31
CA GLY B 76 10.44 -17.29 15.38
C GLY B 76 9.77 -18.06 14.26
N GLU B 77 8.55 -17.68 13.91
CA GLU B 77 7.86 -18.40 12.83
C GLU B 77 8.65 -18.29 11.53
N LEU B 78 9.26 -17.12 11.28
CA LEU B 78 10.11 -16.97 10.10
C LEU B 78 11.42 -17.74 10.26
N VAL B 79 12.06 -17.62 11.42
CA VAL B 79 13.38 -18.23 11.60
C VAL B 79 13.29 -19.73 11.45
N TYR B 80 12.23 -20.34 11.99
CA TYR B 80 12.12 -21.79 12.03
C TYR B 80 11.27 -22.37 10.90
N GLY B 81 10.87 -21.54 9.94
CA GLY B 81 10.27 -22.03 8.73
C GLY B 81 8.79 -22.31 8.78
N LYS B 82 8.07 -21.78 9.75
CA LYS B 82 6.65 -22.00 9.85
C LYS B 82 5.88 -21.01 9.00
N ALA B 83 6.50 -19.90 8.62
CA ALA B 83 5.84 -18.88 7.80
C ALA B 83 6.82 -18.36 6.76
N ASP B 84 6.28 -17.87 5.66
CA ASP B 84 7.11 -17.34 4.60
C ASP B 84 7.29 -15.83 4.69
N ILE B 85 6.41 -15.12 5.40
CA ILE B 85 6.47 -13.67 5.46
C ILE B 85 5.65 -13.21 6.66
N ALA B 86 6.08 -12.11 7.27
CA ALA B 86 5.37 -11.47 8.36
C ALA B 86 4.87 -10.12 7.87
N ILE B 87 3.56 -9.90 7.94
CA ILE B 87 2.96 -8.60 7.58
C ILE B 87 2.20 -8.17 8.82
N ALA B 88 2.78 -7.27 9.57
CA ALA B 88 2.36 -6.97 10.94
C ALA B 88 3.07 -5.71 11.42
N PRO B 89 2.62 -5.12 12.53
CA PRO B 89 3.39 -4.01 13.12
C PRO B 89 4.65 -4.51 13.80
N LEU B 90 5.58 -5.02 12.99
CA LEU B 90 6.81 -5.64 13.46
C LEU B 90 7.95 -4.64 13.30
N THR B 91 8.55 -4.26 14.42
CA THR B 91 9.52 -3.19 14.42
C THR B 91 10.87 -3.67 13.90
N ILE B 92 11.45 -2.86 13.01
CA ILE B 92 12.80 -3.07 12.52
C ILE B 92 13.78 -2.81 13.65
N THR B 93 14.57 -3.82 13.99
CA THR B 93 15.62 -3.67 15.01
C THR B 93 16.89 -4.38 14.53
N TYR B 94 18.00 -3.99 15.13
CA TYR B 94 19.30 -4.55 14.78
C TYR B 94 19.36 -6.05 15.03
N VAL B 95 18.89 -6.50 16.21
CA VAL B 95 19.05 -7.92 16.53
C VAL B 95 18.14 -8.75 15.64
N ARG B 96 16.98 -8.21 15.23
CA ARG B 96 16.12 -8.98 14.33
C ARG B 96 16.70 -9.00 12.92
N GLU B 97 17.23 -7.87 12.46
CA GLU B 97 17.84 -7.80 11.13
C GLU B 97 19.00 -8.76 10.98
N GLU B 98 19.56 -9.22 12.08
CA GLU B 98 20.62 -10.20 11.99
C GLU B 98 20.10 -11.56 11.60
N VAL B 99 18.82 -11.86 11.87
CA VAL B 99 18.30 -13.20 11.65
C VAL B 99 17.15 -13.27 10.63
N ILE B 100 16.49 -12.14 10.32
CA ILE B 100 15.48 -12.09 9.26
C ILE B 100 15.75 -10.85 8.41
N ASP B 101 15.08 -10.79 7.25
CA ASP B 101 15.17 -9.64 6.36
C ASP B 101 13.94 -8.76 6.55
N PHE B 102 14.14 -7.46 6.55
CA PHE B 102 13.07 -6.47 6.59
C PHE B 102 13.05 -5.67 5.30
N SER B 103 11.84 -5.43 4.79
CA SER B 103 11.67 -4.43 3.76
C SER B 103 11.97 -3.05 4.34
N LYS B 104 12.11 -2.08 3.46
CA LYS B 104 12.02 -0.68 3.89
C LYS B 104 10.73 -0.50 4.69
N PRO B 105 10.71 0.45 5.61
CA PRO B 105 9.54 0.58 6.50
C PRO B 105 8.29 0.98 5.74
N PHE B 106 7.15 0.44 6.17
CA PHE B 106 5.85 0.89 5.65
C PHE B 106 5.10 1.83 6.59
N MET B 107 5.61 2.03 7.81
CA MET B 107 4.99 2.93 8.77
C MET B 107 6.04 3.37 9.78
N SER B 108 6.02 4.65 10.11
CA SER B 108 6.94 5.20 11.09
CA SER B 108 6.93 5.23 11.08
C SER B 108 6.30 5.22 12.46
N LEU B 109 7.13 5.05 13.48
CA LEU B 109 6.66 5.13 14.86
C LEU B 109 7.84 5.41 15.78
N GLY B 110 7.51 5.79 17.00
CA GLY B 110 8.49 5.85 18.06
C GLY B 110 7.81 5.46 19.36
N ILE B 111 8.64 5.06 20.34
CA ILE B 111 8.12 4.80 21.66
C ILE B 111 7.54 6.09 22.21
N SER B 112 6.40 5.99 22.86
CA SER B 112 5.67 7.15 23.34
C SER B 112 4.99 6.81 24.66
N ILE B 113 4.47 7.83 25.31
CA ILE B 113 3.86 7.70 26.64
C ILE B 113 2.35 7.83 26.47
N MET B 114 1.61 6.87 26.99
CA MET B 114 0.16 6.97 27.11
C MET B 114 -0.21 7.24 28.56
N ILE B 115 -0.99 8.31 28.79
CA ILE B 115 -1.49 8.62 30.12
C ILE B 115 -3.01 8.65 30.06
N LYS B 116 -3.62 8.38 31.20
CA LYS B 116 -4.99 8.80 31.40
C LYS B 116 -5.03 10.33 31.44
N LYS B 117 -6.02 10.92 30.78
CA LYS B 117 -6.10 12.38 30.72
C LYS B 117 -6.05 12.96 32.12
N GLY B 118 -5.24 14.01 32.27
CA GLY B 118 -5.08 14.71 33.53
C GLY B 118 -3.86 14.30 34.32
N THR B 119 -3.22 13.21 33.94
CA THR B 119 -2.01 12.76 34.64
C THR B 119 -0.94 13.84 34.55
N PRO B 120 -0.31 14.22 35.65
CA PRO B 120 0.72 15.28 35.58
C PRO B 120 2.06 14.76 35.09
N ILE B 121 2.09 14.33 33.82
CA ILE B 121 3.28 13.81 33.19
C ILE B 121 3.33 14.39 31.77
N GLU B 122 4.48 14.95 31.39
CA GLU B 122 4.68 15.51 30.06
C GLU B 122 5.84 14.91 29.29
N SER B 123 6.64 14.04 29.90
CA SER B 123 7.85 13.54 29.24
C SER B 123 8.35 12.30 29.96
N ALA B 124 9.29 11.60 29.30
CA ALA B 124 9.98 10.49 29.96
C ALA B 124 10.78 10.98 31.17
N GLU B 125 11.41 12.15 31.05
CA GLU B 125 12.12 12.69 32.20
C GLU B 125 11.17 12.87 33.37
N ASP B 126 9.96 13.38 33.12
CA ASP B 126 8.98 13.50 34.20
C ASP B 126 8.72 12.15 34.86
N LEU B 127 8.53 11.11 34.04
CA LEU B 127 8.31 9.77 34.59
C LEU B 127 9.49 9.32 35.44
N SER B 128 10.72 9.58 34.97
CA SER B 128 11.90 9.06 35.63
C SER B 128 12.20 9.74 36.95
N LYS B 129 11.64 10.94 37.17
CA LYS B 129 11.96 11.73 38.35
C LYS B 129 10.94 11.58 39.47
N GLN B 130 10.02 10.63 39.36
CA GLN B 130 8.96 10.47 40.35
C GLN B 130 8.65 8.99 40.51
N THR B 131 7.85 8.69 41.53
CA THR B 131 7.50 7.32 41.86
C THR B 131 6.01 7.10 42.08
N GLU B 132 5.21 8.16 42.22
CA GLU B 132 3.78 8.00 42.46
C GLU B 132 3.11 7.29 41.29
N ILE B 133 3.53 7.62 40.07
CA ILE B 133 2.95 7.07 38.86
C ILE B 133 3.85 5.95 38.38
N ALA B 134 3.33 4.73 38.34
CA ALA B 134 4.05 3.59 37.82
C ALA B 134 3.96 3.59 36.29
N TYR B 135 4.89 2.87 35.66
CA TYR B 135 4.89 2.79 34.21
C TYR B 135 5.59 1.51 33.76
N GLY B 136 5.16 1.01 32.60
CA GLY B 136 5.69 -0.24 32.10
C GLY B 136 5.52 -0.33 30.61
N THR B 137 5.82 -1.52 30.07
CA THR B 137 5.83 -1.76 28.64
C THR B 137 5.19 -3.13 28.36
N LEU B 138 5.01 -3.42 27.07
CA LEU B 138 4.67 -4.77 26.66
C LEU B 138 5.83 -5.73 26.92
N ASP B 139 5.50 -6.99 27.18
CA ASP B 139 6.50 -8.04 27.28
C ASP B 139 7.02 -8.45 25.90
N SER B 140 8.26 -8.95 25.90
CA SER B 140 8.87 -9.58 24.74
C SER B 140 8.64 -8.83 23.44
N GLY B 141 8.75 -7.51 23.49
CA GLY B 141 8.69 -6.69 22.30
C GLY B 141 9.90 -5.76 22.21
N SER B 142 9.88 -4.93 21.16
CA SER B 142 11.01 -4.05 20.91
C SER B 142 11.04 -2.89 21.90
N THR B 143 9.89 -2.49 22.46
CA THR B 143 9.90 -1.41 23.45
C THR B 143 10.61 -1.85 24.72
N LYS B 144 10.35 -3.06 25.19
CA LYS B 144 11.05 -3.53 26.38
C LYS B 144 12.55 -3.62 26.12
N GLU B 145 12.94 -4.17 24.97
CA GLU B 145 14.37 -4.30 24.68
C GLU B 145 15.05 -2.94 24.54
N PHE B 146 14.34 -1.94 24.03
CA PHE B 146 14.90 -0.59 23.94
C PHE B 146 15.35 -0.09 25.31
N PHE B 147 14.49 -0.23 26.31
CA PHE B 147 14.86 0.22 27.66
C PHE B 147 15.94 -0.68 28.24
N ARG B 148 15.83 -1.99 28.01
CA ARG B 148 16.83 -2.90 28.54
C ARG B 148 18.22 -2.55 28.04
N ARG B 149 18.32 -2.09 26.80
CA ARG B 149 19.60 -1.90 26.15
C ARG B 149 20.11 -0.46 26.19
N SER B 150 19.27 0.49 26.61
CA SER B 150 19.58 1.90 26.43
C SER B 150 20.70 2.34 27.36
N LYS B 151 21.60 3.15 26.83
CA LYS B 151 22.65 3.76 27.64
C LYS B 151 22.36 5.22 27.94
N ILE B 152 21.20 5.71 27.54
CA ILE B 152 20.79 7.08 27.80
C ILE B 152 20.30 7.19 29.25
N ALA B 153 20.83 8.17 29.98
CA ALA B 153 20.62 8.24 31.43
C ALA B 153 19.15 8.12 31.82
N VAL B 154 18.28 8.88 31.15
CA VAL B 154 16.87 8.89 31.55
C VAL B 154 16.24 7.52 31.29
N PHE B 155 16.54 6.90 30.16
CA PHE B 155 15.94 5.60 29.86
C PHE B 155 16.58 4.48 30.70
N ASP B 156 17.86 4.60 31.01
CA ASP B 156 18.48 3.66 31.94
C ASP B 156 17.82 3.73 33.31
N LYS B 157 17.56 4.93 33.80
CA LYS B 157 16.87 5.10 35.07
C LYS B 157 15.47 4.49 35.02
N MET B 158 14.77 4.64 33.90
CA MET B 158 13.44 4.05 33.77
C MET B 158 13.51 2.52 33.75
N TRP B 159 14.47 1.95 33.04
CA TRP B 159 14.61 0.50 33.02
C TRP B 159 14.95 -0.05 34.40
N THR B 160 15.88 0.60 35.11
CA THR B 160 16.23 0.12 36.43
C THR B 160 15.00 0.00 37.32
N TYR B 161 14.09 0.97 37.21
CA TYR B 161 12.85 0.91 37.97
C TYR B 161 11.93 -0.19 37.43
N MET B 162 11.70 -0.21 36.12
CA MET B 162 10.69 -1.11 35.58
C MET B 162 11.07 -2.56 35.80
N ARG B 163 12.34 -2.90 35.61
CA ARG B 163 12.72 -4.31 35.67
C ARG B 163 12.60 -4.87 37.09
N SER B 164 12.61 -4.02 38.11
CA SER B 164 12.58 -4.46 39.50
C SER B 164 11.25 -4.17 40.18
N ALA B 165 10.34 -3.48 39.50
CA ALA B 165 9.08 -3.09 40.11
C ALA B 165 8.23 -4.32 40.43
N GLU B 166 7.58 -4.28 41.60
CA GLU B 166 6.71 -5.34 42.03
C GLU B 166 5.41 -4.74 42.57
N PRO B 167 4.24 -5.20 42.13
CA PRO B 167 4.01 -6.23 41.10
C PRO B 167 4.52 -5.77 39.74
N SER B 168 4.59 -6.69 38.78
CA SER B 168 5.12 -6.38 37.47
C SER B 168 4.40 -5.18 36.84
N VAL B 169 5.19 -4.30 36.22
CA VAL B 169 4.64 -3.22 35.42
C VAL B 169 4.49 -3.61 33.97
N PHE B 170 4.93 -4.82 33.59
CA PHE B 170 4.86 -5.26 32.20
C PHE B 170 3.52 -5.94 31.95
N VAL B 171 3.08 -5.90 30.70
CA VAL B 171 1.78 -6.46 30.32
C VAL B 171 1.98 -7.41 29.15
N ARG B 172 1.03 -8.30 28.98
CA ARG B 172 1.10 -9.33 27.94
C ARG B 172 0.56 -8.86 26.61
N THR B 173 -0.38 -7.91 26.60
CA THR B 173 -0.97 -7.42 25.38
C THR B 173 -1.16 -5.91 25.50
N THR B 174 -1.21 -5.25 24.34
CA THR B 174 -1.52 -3.82 24.33
C THR B 174 -2.82 -3.54 25.06
N ALA B 175 -3.81 -4.40 24.86
CA ALA B 175 -5.10 -4.16 25.50
C ALA B 175 -4.96 -4.15 27.02
N GLU B 176 -4.12 -5.05 27.56
CA GLU B 176 -3.92 -5.06 29.01
C GLU B 176 -3.28 -3.74 29.47
N GLY B 177 -2.32 -3.23 28.72
CA GLY B 177 -1.72 -1.95 29.10
C GLY B 177 -2.69 -0.80 29.04
N VAL B 178 -3.49 -0.73 27.98
CA VAL B 178 -4.49 0.32 27.88
C VAL B 178 -5.48 0.20 29.03
N ALA B 179 -5.96 -1.03 29.28
CA ALA B 179 -6.92 -1.19 30.38
C ALA B 179 -6.30 -0.73 31.69
N ARG B 180 -5.02 -1.01 31.90
CA ARG B 180 -4.37 -0.63 33.14
C ARG B 180 -4.31 0.88 33.28
N VAL B 181 -4.00 1.59 32.19
CA VAL B 181 -4.05 3.05 32.23
C VAL B 181 -5.45 3.52 32.63
N ARG B 182 -6.47 2.99 31.98
CA ARG B 182 -7.83 3.50 32.15
C ARG B 182 -8.38 3.22 33.54
N LYS B 183 -7.93 2.15 34.20
CA LYS B 183 -8.48 1.78 35.50
C LYS B 183 -7.61 2.24 36.67
N SER B 184 -6.45 2.83 36.42
CA SER B 184 -5.50 3.16 37.48
C SER B 184 -5.62 4.61 37.95
N LYS B 185 -6.64 5.33 37.50
CA LYS B 185 -6.93 6.67 38.03
C LYS B 185 -5.73 7.59 37.91
N GLY B 186 -4.92 7.37 36.87
CA GLY B 186 -3.78 8.19 36.58
C GLY B 186 -2.49 7.72 37.19
N LYS B 187 -2.50 6.60 37.91
CA LYS B 187 -1.33 6.13 38.62
C LYS B 187 -0.52 5.11 37.81
N TYR B 188 -0.89 4.87 36.55
CA TYR B 188 -0.13 4.03 35.64
C TYR B 188 -0.07 4.73 34.29
N ALA B 189 1.14 4.81 33.74
CA ALA B 189 1.39 5.28 32.39
C ALA B 189 1.97 4.13 31.58
N TYR B 190 1.59 4.04 30.32
CA TYR B 190 1.97 2.91 29.49
C TYR B 190 2.91 3.40 28.39
N LEU B 191 4.04 2.71 28.23
CA LEU B 191 5.04 3.03 27.21
C LEU B 191 4.79 2.08 26.04
N LEU B 192 4.41 2.65 24.90
CA LEU B 192 4.02 1.87 23.74
C LEU B 192 4.29 2.69 22.49
N GLU B 193 4.19 2.04 21.33
CA GLU B 193 4.54 2.70 20.09
C GLU B 193 3.48 3.74 19.72
N SER B 194 3.94 4.85 19.16
CA SER B 194 3.10 6.02 18.94
C SER B 194 1.90 5.69 18.09
N THR B 195 2.06 4.75 17.15
CA THR B 195 0.99 4.30 16.27
C THR B 195 -0.16 3.71 17.09
N MET B 196 0.15 2.78 17.99
CA MET B 196 -0.90 2.20 18.83
C MET B 196 -1.46 3.24 19.79
N ASN B 197 -0.60 4.12 20.29
CA ASN B 197 -1.04 5.21 21.17
C ASN B 197 -2.02 6.12 20.44
N GLU B 198 -1.67 6.53 19.21
CA GLU B 198 -2.53 7.43 18.44
C GLU B 198 -3.85 6.77 18.08
N TYR B 199 -3.84 5.46 17.86
CA TYR B 199 -5.08 4.74 17.57
C TYR B 199 -6.01 4.75 18.78
N ILE B 200 -5.48 4.39 19.96
CA ILE B 200 -6.31 4.30 21.17
C ILE B 200 -6.83 5.68 21.55
N GLU B 201 -6.04 6.74 21.30
CA GLU B 201 -6.48 8.11 21.55
C GLU B 201 -7.75 8.47 20.78
N GLN B 202 -8.02 7.77 19.67
CA GLN B 202 -9.19 8.04 18.83
C GLN B 202 -10.35 7.08 19.13
N ARG B 203 -10.28 6.33 20.22
CA ARG B 203 -11.29 5.33 20.55
C ARG B 203 -12.00 5.71 21.85
N LYS B 204 -13.30 5.43 21.91
CA LYS B 204 -14.05 5.63 23.14
C LYS B 204 -13.42 4.76 24.23
N PRO B 205 -13.49 5.20 25.50
CA PRO B 205 -14.16 6.42 25.98
C PRO B 205 -13.33 7.71 25.90
N CYS B 206 -12.31 7.74 25.05
CA CYS B 206 -11.58 8.97 24.76
C CYS B 206 -10.94 9.55 26.02
N ASP B 207 -10.36 8.68 26.85
CA ASP B 207 -9.84 9.09 28.15
C ASP B 207 -8.33 8.93 28.26
N THR B 208 -7.66 8.61 27.17
CA THR B 208 -6.20 8.51 27.13
C THR B 208 -5.66 9.55 26.17
N MET B 209 -4.36 9.83 26.29
CA MET B 209 -3.72 10.70 25.29
C MET B 209 -2.23 10.42 25.24
N LYS B 210 -1.64 10.66 24.07
CA LYS B 210 -0.20 10.61 23.89
C LYS B 210 0.38 11.93 24.36
N VAL B 211 1.43 11.87 25.20
CA VAL B 211 2.00 13.10 25.74
C VAL B 211 3.50 13.13 25.44
N GLY B 212 4.02 14.33 25.19
CA GLY B 212 5.44 14.50 24.96
C GLY B 212 5.84 14.04 23.59
N GLY B 213 7.12 14.22 23.30
CA GLY B 213 7.67 13.69 22.06
C GLY B 213 7.92 12.19 22.19
N ASN B 214 8.23 11.59 21.05
CA ASN B 214 8.58 10.18 21.04
C ASN B 214 9.99 10.01 21.61
N LEU B 215 10.23 8.83 22.19
CA LEU B 215 11.51 8.55 22.80
C LEU B 215 12.54 8.10 21.76
N ASP B 216 12.09 7.54 20.63
CA ASP B 216 13.00 7.13 19.58
C ASP B 216 12.24 7.22 18.26
N SER B 217 12.91 6.84 17.19
CA SER B 217 12.34 6.94 15.85
C SER B 217 12.71 5.72 15.03
N LYS B 218 11.72 4.98 14.57
CA LYS B 218 11.98 3.77 13.81
C LYS B 218 10.73 3.47 12.98
N GLY B 219 10.59 2.22 12.57
CA GLY B 219 9.49 1.87 11.69
C GLY B 219 9.23 0.39 11.73
N TYR B 220 8.08 0.04 11.17
CA TYR B 220 7.69 -1.35 10.93
C TYR B 220 8.12 -1.73 9.52
N GLY B 221 8.54 -2.98 9.34
CA GLY B 221 8.84 -3.49 8.03
C GLY B 221 8.20 -4.84 7.82
N ILE B 222 8.05 -5.21 6.55
CA ILE B 222 7.59 -6.54 6.20
C ILE B 222 8.79 -7.46 6.25
N ALA B 223 8.65 -8.59 6.92
CA ALA B 223 9.80 -9.45 7.21
C ALA B 223 9.67 -10.78 6.50
N THR B 224 10.80 -11.28 6.02
CA THR B 224 10.94 -12.57 5.37
C THR B 224 12.14 -13.29 5.95
N PRO B 225 12.20 -14.62 5.83
CA PRO B 225 13.39 -15.36 6.27
C PRO B 225 14.61 -14.90 5.49
N LYS B 226 15.77 -14.98 6.14
CA LYS B 226 17.02 -14.55 5.50
C LYS B 226 17.20 -15.23 4.15
N GLY B 227 17.47 -14.41 3.13
CA GLY B 227 17.71 -14.94 1.80
C GLY B 227 16.46 -15.36 1.03
N SER B 228 15.27 -15.05 1.54
CA SER B 228 14.06 -15.44 0.84
C SER B 228 13.97 -14.75 -0.52
N SER B 229 13.48 -15.50 -1.51
CA SER B 229 13.30 -14.96 -2.85
C SER B 229 12.22 -13.89 -2.90
N LEU B 230 11.36 -13.78 -1.88
CA LEU B 230 10.31 -12.78 -1.89
C LEU B 230 10.80 -11.39 -1.49
N GLY B 231 11.95 -11.28 -0.84
CA GLY B 231 12.33 -10.02 -0.21
C GLY B 231 12.42 -8.86 -1.19
N ASN B 232 13.04 -9.08 -2.34
CA ASN B 232 13.28 -7.99 -3.28
C ASN B 232 11.97 -7.41 -3.80
N ALA B 233 11.05 -8.28 -4.26
CA ALA B 233 9.79 -7.79 -4.80
C ALA B 233 8.95 -7.10 -3.74
N VAL B 234 8.94 -7.65 -2.52
CA VAL B 234 8.17 -7.05 -1.44
C VAL B 234 8.69 -5.67 -1.11
N ASN B 235 10.01 -5.54 -1.02
CA ASN B 235 10.62 -4.24 -0.73
C ASN B 235 10.25 -3.21 -1.78
N LEU B 236 10.35 -3.56 -3.06
CA LEU B 236 10.01 -2.62 -4.11
C LEU B 236 8.53 -2.26 -4.07
N ALA B 237 7.68 -3.24 -3.74
CA ALA B 237 6.25 -2.98 -3.67
C ALA B 237 5.92 -2.00 -2.55
N VAL B 238 6.58 -2.14 -1.39
CA VAL B 238 6.39 -1.19 -0.31
C VAL B 238 6.77 0.22 -0.76
N LEU B 239 7.93 0.36 -1.39
CA LEU B 239 8.39 1.68 -1.82
C LEU B 239 7.44 2.30 -2.84
N LYS B 240 6.97 1.52 -3.80
CA LYS B 240 6.05 2.06 -4.80
C LYS B 240 4.69 2.43 -4.19
N LEU B 241 4.15 1.56 -3.35
CA LEU B 241 2.88 1.84 -2.68
C LEU B 241 2.99 3.05 -1.75
N SER B 242 4.13 3.20 -1.08
CA SER B 242 4.40 4.42 -0.30
C SER B 242 4.34 5.66 -1.17
N GLU B 243 5.06 5.65 -2.31
CA GLU B 243 5.10 6.84 -3.14
C GLU B 243 3.75 7.13 -3.76
N GLN B 244 2.96 6.10 -4.04
CA GLN B 244 1.63 6.26 -4.62
C GLN B 244 0.59 6.69 -3.60
N GLY B 245 0.98 6.79 -2.33
CA GLY B 245 0.08 7.23 -1.30
C GLY B 245 -0.79 6.18 -0.66
N LEU B 246 -0.63 4.90 -1.04
CA LEU B 246 -1.44 3.85 -0.44
C LEU B 246 -1.29 3.85 1.08
N LEU B 247 -0.06 3.95 1.57
CA LEU B 247 0.16 3.77 3.00
C LEU B 247 -0.50 4.89 3.77
N ASP B 248 -0.44 6.13 3.25
CA ASP B 248 -1.11 7.24 3.89
C ASP B 248 -2.63 7.02 3.89
N LYS B 249 -3.18 6.54 2.77
CA LYS B 249 -4.61 6.26 2.72
C LYS B 249 -5.02 5.19 3.72
N LEU B 250 -4.23 4.12 3.84
CA LEU B 250 -4.61 3.06 4.75
C LEU B 250 -4.52 3.51 6.21
N LYS B 251 -3.52 4.30 6.56
CA LYS B 251 -3.45 4.80 7.93
C LYS B 251 -4.67 5.65 8.25
N ASN B 252 -5.00 6.60 7.36
CA ASN B 252 -6.19 7.41 7.56
C ASN B 252 -7.44 6.53 7.68
N LYS B 253 -7.54 5.49 6.86
CA LYS B 253 -8.73 4.63 6.88
C LYS B 253 -8.90 3.99 8.25
N TRP B 254 -7.83 3.47 8.81
CA TRP B 254 -7.96 2.67 10.02
C TRP B 254 -7.73 3.44 11.31
N TRP B 255 -7.13 4.63 11.24
CA TRP B 255 -6.92 5.42 12.46
C TRP B 255 -7.96 6.52 12.63
N TYR B 256 -8.19 7.30 11.60
CA TYR B 256 -8.84 8.59 11.74
C TYR B 256 -10.19 8.67 11.06
N ASP B 257 -10.33 8.07 9.88
CA ASP B 257 -11.62 8.04 9.21
C ASP B 257 -12.66 7.42 10.13
N LYS B 258 -12.26 6.44 10.94
CA LYS B 258 -13.15 5.73 11.85
C LYS B 258 -13.00 6.22 13.30
N GLY B 259 -12.41 7.40 13.49
CA GLY B 259 -12.19 7.90 14.84
C GLY B 259 -13.49 8.13 15.58
N GLU B 260 -13.49 7.79 16.87
CA GLU B 260 -14.68 7.88 17.71
C GLU B 260 -14.64 9.07 18.66
N CYS B 261 -13.61 9.91 18.59
CA CYS B 261 -13.44 11.03 19.52
C CYS B 261 -13.50 12.37 18.79
N GLY B 262 -14.31 12.45 17.75
CA GLY B 262 -14.51 13.70 17.03
C GLY B 262 -13.63 13.84 15.80
N GLY C 1 40.24 -9.57 -1.51
CA GLY C 1 41.68 -9.21 -1.53
C GLY C 1 42.08 -8.30 -0.39
N ALA C 2 43.21 -7.60 -0.56
CA ALA C 2 43.69 -6.69 0.47
C ALA C 2 42.68 -5.59 0.76
N ASN C 3 42.73 -5.07 1.98
CA ASN C 3 41.89 -3.93 2.34
C ASN C 3 42.18 -2.74 1.45
N LYS C 4 41.12 -2.07 1.03
CA LYS C 4 41.15 -0.95 0.11
C LYS C 4 40.43 0.25 0.71
N THR C 5 40.95 1.44 0.44
CA THR C 5 40.27 2.65 0.89
C THR C 5 38.95 2.79 0.15
N VAL C 6 37.88 2.97 0.90
CA VAL C 6 36.55 3.04 0.33
C VAL C 6 36.31 4.45 -0.22
N VAL C 7 35.90 4.54 -1.48
CA VAL C 7 35.62 5.83 -2.11
C VAL C 7 34.17 6.20 -1.81
N VAL C 8 33.98 7.27 -1.03
CA VAL C 8 32.67 7.75 -0.64
C VAL C 8 32.30 8.89 -1.57
N THR C 9 31.14 8.78 -2.22
CA THR C 9 30.63 9.94 -2.94
C THR C 9 29.61 10.64 -2.03
N THR C 10 29.65 11.98 -2.04
CA THR C 10 28.74 12.78 -1.26
C THR C 10 28.59 14.10 -2.01
N ILE C 11 27.81 15.01 -1.43
CA ILE C 11 27.41 16.23 -2.11
C ILE C 11 27.48 17.39 -1.13
N LEU C 12 27.87 18.57 -1.64
CA LEU C 12 27.95 19.78 -0.81
C LEU C 12 26.53 20.28 -0.62
N GLU C 13 25.99 20.05 0.58
CA GLU C 13 24.61 20.40 0.92
C GLU C 13 24.58 20.65 2.43
N SER C 14 24.27 21.86 2.85
CA SER C 14 24.30 22.15 4.28
C SER C 14 23.06 21.55 4.96
N PRO C 15 23.20 21.03 6.19
CA PRO C 15 24.42 20.90 7.02
C PRO C 15 25.04 19.50 6.91
N TYR C 16 24.77 18.82 5.80
CA TYR C 16 25.21 17.44 5.63
C TYR C 16 26.71 17.39 5.37
N VAL C 17 27.16 18.13 4.36
CA VAL C 17 28.57 18.24 4.01
C VAL C 17 28.85 19.69 3.64
N MET C 18 29.80 20.29 4.33
CA MET C 18 30.17 21.68 4.13
C MET C 18 31.68 21.77 4.20
N MET C 19 32.24 22.70 3.42
CA MET C 19 33.64 23.02 3.57
C MET C 19 33.83 23.75 4.89
N LYS C 20 34.79 23.30 5.69
CA LYS C 20 35.17 24.05 6.88
C LYS C 20 35.64 25.46 6.48
N LYS C 21 35.46 26.40 7.41
CA LYS C 21 35.89 27.77 7.13
C LYS C 21 37.37 27.83 6.73
N ASN C 22 38.20 26.98 7.33
CA ASN C 22 39.64 26.97 7.08
C ASN C 22 40.02 25.83 6.13
N HIS C 23 39.16 25.49 5.18
CA HIS C 23 39.37 24.30 4.38
C HIS C 23 40.57 24.41 3.46
N GLU C 24 40.97 25.61 3.05
CA GLU C 24 42.08 25.70 2.12
CA GLU C 24 42.09 25.77 2.14
C GLU C 24 43.40 25.24 2.73
N MET C 25 43.54 25.29 4.06
CA MET C 25 44.77 24.84 4.71
C MET C 25 44.66 23.41 5.21
N LEU C 26 43.56 22.74 4.95
CA LEU C 26 43.35 21.34 5.34
C LEU C 26 43.44 20.43 4.11
N GLU C 27 43.50 19.13 4.36
CA GLU C 27 43.70 18.15 3.30
C GLU C 27 42.78 16.95 3.50
N GLY C 28 42.40 16.31 2.40
CA GLY C 28 41.67 15.07 2.54
C GLY C 28 40.33 15.26 3.21
N ASN C 29 39.94 14.26 4.00
CA ASN C 29 38.62 14.29 4.64
C ASN C 29 38.50 15.44 5.63
N GLU C 30 39.61 15.96 6.14
CA GLU C 30 39.56 17.04 7.12
C GLU C 30 39.03 18.35 6.56
N ARG C 31 38.96 18.49 5.24
CA ARG C 31 38.43 19.70 4.64
C ARG C 31 36.96 19.92 4.95
N TYR C 32 36.24 18.85 5.27
CA TYR C 32 34.78 18.89 5.34
C TYR C 32 34.25 18.67 6.74
N GLU C 33 33.08 19.24 7.02
CA GLU C 33 32.36 19.02 8.27
C GLU C 33 30.87 18.89 7.97
N GLY C 34 30.16 18.28 8.90
CA GLY C 34 28.71 18.19 8.79
C GLY C 34 28.14 16.87 9.25
N TYR C 35 26.80 16.76 9.16
CA TYR C 35 26.11 15.56 9.63
C TYR C 35 26.64 14.30 8.94
N CYS C 36 26.75 14.34 7.61
CA CYS C 36 27.18 13.17 6.87
C CYS C 36 28.68 12.92 6.99
N VAL C 37 29.48 13.95 7.30
CA VAL C 37 30.89 13.73 7.60
C VAL C 37 31.03 12.95 8.91
N ASP C 38 30.23 13.31 9.91
CA ASP C 38 30.25 12.60 11.18
C ASP C 38 29.69 11.20 11.00
N LEU C 39 28.64 11.07 10.20
CA LEU C 39 28.03 9.77 9.96
C LEU C 39 29.00 8.84 9.24
N ALA C 40 29.70 9.34 8.23
CA ALA C 40 30.68 8.53 7.51
C ALA C 40 31.75 7.99 8.47
N ALA C 41 32.26 8.86 9.34
CA ALA C 41 33.27 8.43 10.30
C ALA C 41 32.73 7.32 11.19
N GLU C 42 31.49 7.45 11.65
CA GLU C 42 30.91 6.43 12.53
C GLU C 42 30.68 5.11 11.79
N ILE C 43 30.16 5.18 10.57
CA ILE C 43 29.91 3.99 9.76
C ILE C 43 31.25 3.28 9.49
N ALA C 44 32.26 4.05 9.09
CA ALA C 44 33.56 3.46 8.78
C ALA C 44 34.15 2.80 10.01
N LYS C 45 33.98 3.41 11.18
CA LYS C 45 34.51 2.83 12.41
C LYS C 45 33.83 1.50 12.72
N HIS C 46 32.51 1.46 12.62
CA HIS C 46 31.79 0.24 12.99
C HIS C 46 31.91 -0.85 11.93
N CYS C 47 32.16 -0.47 10.68
CA CYS C 47 32.35 -1.44 9.61
C CYS C 47 33.83 -1.76 9.37
N GLY C 48 34.74 -1.00 9.97
CA GLY C 48 36.16 -1.28 9.92
C GLY C 48 36.82 -1.02 8.58
N PHE C 49 36.52 0.10 7.95
CA PHE C 49 37.21 0.48 6.72
C PHE C 49 37.70 1.91 6.80
N LYS C 50 38.79 2.19 6.09
CA LYS C 50 39.23 3.55 5.83
C LYS C 50 38.58 4.05 4.55
N TYR C 51 38.44 5.36 4.44
CA TYR C 51 37.62 5.92 3.38
C TYR C 51 38.14 7.28 2.94
N LYS C 52 37.74 7.68 1.73
CA LYS C 52 38.07 8.99 1.18
C LYS C 52 36.77 9.64 0.75
N LEU C 53 36.45 10.80 1.32
CA LEU C 53 35.29 11.57 0.90
C LEU C 53 35.59 12.29 -0.42
N THR C 54 34.68 12.15 -1.40
CA THR C 54 34.83 12.82 -2.69
C THR C 54 33.50 13.48 -3.00
N ILE C 55 33.56 14.68 -3.53
CA ILE C 55 32.36 15.42 -3.88
C ILE C 55 31.94 15.01 -5.29
N VAL C 56 30.67 14.65 -5.44
CA VAL C 56 30.14 14.18 -6.71
C VAL C 56 30.44 15.19 -7.80
N GLY C 57 30.93 14.69 -8.93
CA GLY C 57 31.49 15.58 -9.94
C GLY C 57 30.48 16.54 -10.52
N ASP C 58 29.27 16.08 -10.77
CA ASP C 58 28.29 16.92 -11.45
C ASP C 58 27.37 17.64 -10.48
N GLY C 59 27.61 17.52 -9.18
CA GLY C 59 26.82 18.24 -8.19
C GLY C 59 25.37 17.82 -8.08
N LYS C 60 25.03 16.62 -8.53
CA LYS C 60 23.64 16.18 -8.55
C LYS C 60 23.42 14.94 -7.69
N TYR C 61 22.16 14.74 -7.31
CA TYR C 61 21.78 13.59 -6.50
C TYR C 61 21.66 12.33 -7.35
N GLY C 62 20.89 12.40 -8.42
CA GLY C 62 20.81 11.29 -9.34
C GLY C 62 19.47 11.14 -9.98
N ALA C 63 19.44 11.23 -11.32
CA ALA C 63 18.26 10.99 -12.11
C ALA C 63 18.70 10.29 -13.38
N ARG C 64 17.76 9.59 -13.98
CA ARG C 64 17.99 8.79 -15.18
C ARG C 64 17.54 9.58 -16.39
N ASP C 65 18.47 9.84 -17.32
CA ASP C 65 18.11 10.53 -18.56
C ASP C 65 17.09 9.69 -19.34
N ALA C 66 15.96 10.29 -19.69
CA ALA C 66 14.89 9.55 -20.34
C ALA C 66 15.29 9.04 -21.72
N ASP C 67 16.20 9.72 -22.40
CA ASP C 67 16.59 9.32 -23.75
C ASP C 67 17.73 8.32 -23.75
N THR C 68 18.82 8.63 -23.05
CA THR C 68 19.98 7.75 -23.02
C THR C 68 19.91 6.70 -21.93
N LYS C 69 19.03 6.90 -20.94
CA LYS C 69 18.89 5.99 -19.81
C LYS C 69 20.12 5.97 -18.92
N ILE C 70 20.98 6.97 -19.02
CA ILE C 70 22.19 7.07 -18.21
C ILE C 70 21.85 7.80 -16.90
N TRP C 71 22.33 7.25 -15.79
CA TRP C 71 22.16 7.88 -14.48
C TRP C 71 23.23 8.91 -14.25
N ASN C 72 22.84 10.06 -13.70
CA ASN C 72 23.81 11.08 -13.31
C ASN C 72 23.90 11.14 -11.79
N GLY C 73 24.66 12.12 -11.29
CA GLY C 73 24.76 12.33 -9.86
C GLY C 73 25.45 11.20 -9.10
N MET C 74 25.20 11.18 -7.79
CA MET C 74 25.79 10.16 -6.94
C MET C 74 25.30 8.78 -7.33
N VAL C 75 24.04 8.67 -7.73
CA VAL C 75 23.52 7.38 -8.18
C VAL C 75 24.36 6.86 -9.34
N GLY C 76 24.63 7.73 -10.31
CA GLY C 76 25.47 7.35 -11.43
C GLY C 76 26.87 6.91 -10.99
N GLU C 77 27.46 7.62 -10.05
CA GLU C 77 28.80 7.25 -9.60
C GLU C 77 28.81 5.85 -9.04
N LEU C 78 27.73 5.45 -8.34
CA LEU C 78 27.62 4.08 -7.84
C LEU C 78 27.36 3.10 -8.98
N VAL C 79 26.42 3.42 -9.87
CA VAL C 79 26.03 2.50 -10.94
C VAL C 79 27.21 2.19 -11.86
N TYR C 80 28.02 3.19 -12.19
CA TYR C 80 29.10 3.01 -13.15
C TYR C 80 30.45 2.75 -12.50
N GLY C 81 30.47 2.55 -11.19
CA GLY C 81 31.69 2.09 -10.52
C GLY C 81 32.69 3.16 -10.17
N LYS C 82 32.28 4.42 -10.11
CA LYS C 82 33.18 5.51 -9.74
C LYS C 82 33.29 5.69 -8.23
N ALA C 83 32.34 5.19 -7.47
CA ALA C 83 32.36 5.28 -6.00
C ALA C 83 31.86 3.98 -5.42
N ASP C 84 32.30 3.69 -4.20
CA ASP C 84 31.94 2.44 -3.52
C ASP C 84 30.71 2.58 -2.63
N ILE C 85 30.38 3.81 -2.23
CA ILE C 85 29.30 4.05 -1.29
C ILE C 85 28.93 5.52 -1.37
N ALA C 86 27.66 5.82 -1.17
CA ALA C 86 27.19 7.21 -1.09
C ALA C 86 26.69 7.47 0.32
N ILE C 87 27.25 8.48 0.98
CA ILE C 87 26.83 8.88 2.31
C ILE C 87 26.42 10.34 2.18
N ALA C 88 25.14 10.60 2.09
CA ALA C 88 24.60 11.88 1.68
C ALA C 88 23.11 11.93 1.95
N PRO C 89 22.50 13.09 1.87
CA PRO C 89 21.02 13.15 1.95
C PRO C 89 20.39 12.62 0.68
N LEU C 90 20.57 11.32 0.43
CA LEU C 90 20.12 10.65 -0.78
C LEU C 90 18.81 9.94 -0.50
N THR C 91 17.75 10.36 -1.20
CA THR C 91 16.41 9.87 -0.87
C THR C 91 16.17 8.47 -1.41
N ILE C 92 15.62 7.62 -0.55
CA ILE C 92 15.20 6.28 -0.94
C ILE C 92 14.00 6.36 -1.86
N THR C 93 14.13 5.83 -3.07
CA THR C 93 13.00 5.75 -4.00
C THR C 93 12.99 4.38 -4.66
N TYR C 94 11.82 3.98 -5.12
CA TYR C 94 11.71 2.67 -5.79
C TYR C 94 12.55 2.65 -7.06
N VAL C 95 12.58 3.76 -7.80
CA VAL C 95 13.31 3.76 -9.07
C VAL C 95 14.81 3.64 -8.83
N ARG C 96 15.30 4.24 -7.76
CA ARG C 96 16.72 4.11 -7.43
C ARG C 96 17.02 2.73 -6.84
N GLU C 97 16.12 2.22 -5.99
CA GLU C 97 16.31 0.89 -5.38
C GLU C 97 16.38 -0.21 -6.43
N GLU C 98 15.91 0.05 -7.65
CA GLU C 98 16.04 -0.94 -8.70
C GLU C 98 17.49 -1.07 -9.17
N VAL C 99 18.30 -0.02 -9.04
CA VAL C 99 19.63 -0.01 -9.64
C VAL C 99 20.76 0.09 -8.61
N ILE C 100 20.48 0.54 -7.39
CA ILE C 100 21.46 0.55 -6.31
C ILE C 100 20.82 -0.01 -5.05
N ASP C 101 21.64 -0.27 -4.02
CA ASP C 101 21.14 -0.76 -2.74
C ASP C 101 21.12 0.38 -1.74
N PHE C 102 20.09 0.44 -0.91
CA PHE C 102 19.98 1.41 0.18
C PHE C 102 19.96 0.67 1.52
N SER C 103 20.65 1.22 2.50
CA SER C 103 20.46 0.82 3.88
C SER C 103 19.07 1.23 4.36
N LYS C 104 18.67 0.68 5.49
CA LYS C 104 17.56 1.26 6.25
C LYS C 104 17.83 2.75 6.40
N PRO C 105 16.78 3.56 6.48
CA PRO C 105 16.99 5.01 6.55
C PRO C 105 17.72 5.46 7.80
N PHE C 106 18.57 6.48 7.62
CA PHE C 106 19.22 7.14 8.76
C PHE C 106 18.57 8.45 9.12
N MET C 107 17.63 8.95 8.31
CA MET C 107 16.93 10.19 8.61
C MET C 107 15.62 10.22 7.85
N SER C 108 14.58 10.71 8.52
CA SER C 108 13.26 10.83 7.93
CA SER C 108 13.26 10.83 7.93
C SER C 108 13.06 12.23 7.35
N LEU C 109 12.23 12.30 6.31
CA LEU C 109 11.88 13.58 5.74
C LEU C 109 10.65 13.42 4.87
N GLY C 110 10.08 14.58 4.52
CA GLY C 110 9.04 14.63 3.50
C GLY C 110 9.18 15.92 2.73
N ILE C 111 8.61 15.93 1.53
CA ILE C 111 8.56 17.15 0.75
C ILE C 111 7.78 18.19 1.54
N SER C 112 8.25 19.43 1.52
CA SER C 112 7.64 20.50 2.31
C SER C 112 7.70 21.79 1.52
N ILE C 113 6.99 22.80 2.03
CA ILE C 113 6.89 24.10 1.39
C ILE C 113 7.67 25.12 2.21
N MET C 114 8.59 25.83 1.56
CA MET C 114 9.30 26.96 2.16
C MET C 114 8.74 28.25 1.61
N ILE C 115 8.36 29.15 2.51
CA ILE C 115 7.88 30.49 2.14
C ILE C 115 8.74 31.54 2.81
N LYS C 116 8.80 32.71 2.19
CA LYS C 116 9.23 33.91 2.91
C LYS C 116 8.16 34.24 3.94
N LYS C 117 8.58 34.62 5.16
CA LYS C 117 7.61 34.92 6.21
C LYS C 117 6.59 35.92 5.72
N GLY C 118 5.32 35.64 6.02
CA GLY C 118 4.22 36.49 5.63
C GLY C 118 3.49 36.06 4.37
N THR C 119 4.07 35.17 3.59
CA THR C 119 3.42 34.70 2.37
C THR C 119 2.10 34.02 2.72
N PRO C 120 1.00 34.37 2.05
CA PRO C 120 -0.31 33.76 2.38
C PRO C 120 -0.50 32.37 1.76
N ILE C 121 0.30 31.41 2.24
CA ILE C 121 0.25 30.03 1.78
C ILE C 121 0.36 29.14 3.00
N GLU C 122 -0.56 28.17 3.11
CA GLU C 122 -0.55 27.23 4.23
C GLU C 122 -0.47 25.77 3.81
N SER C 123 -0.54 25.46 2.52
CA SER C 123 -0.62 24.07 2.10
C SER C 123 -0.29 23.95 0.62
N ALA C 124 -0.05 22.71 0.18
CA ALA C 124 0.12 22.45 -1.24
C ALA C 124 -1.15 22.75 -1.99
N GLU C 125 -2.31 22.42 -1.42
CA GLU C 125 -3.57 22.77 -2.07
C GLU C 125 -3.67 24.27 -2.28
N ASP C 126 -3.28 25.06 -1.28
CA ASP C 126 -3.27 26.51 -1.44
C ASP C 126 -2.41 26.93 -2.63
N LEU C 127 -1.21 26.36 -2.73
CA LEU C 127 -0.34 26.66 -3.85
C LEU C 127 -1.02 26.30 -5.17
N SER C 128 -1.69 25.15 -5.22
CA SER C 128 -2.21 24.65 -6.49
C SER C 128 -3.39 25.47 -6.99
N LYS C 129 -4.05 26.24 -6.12
CA LYS C 129 -5.27 26.95 -6.46
C LYS C 129 -5.03 28.40 -6.83
N GLN C 130 -3.77 28.81 -7.00
CA GLN C 130 -3.46 30.20 -7.31
C GLN C 130 -2.24 30.24 -8.21
N THR C 131 -1.98 31.43 -8.76
CA THR C 131 -0.87 31.63 -9.69
C THR C 131 -0.01 32.85 -9.38
N GLU C 132 -0.45 33.73 -8.47
CA GLU C 132 0.36 34.90 -8.14
C GLU C 132 1.71 34.49 -7.56
N ILE C 133 1.73 33.42 -6.78
CA ILE C 133 2.95 32.93 -6.15
C ILE C 133 3.42 31.74 -6.97
N ALA C 134 4.60 31.86 -7.58
CA ALA C 134 5.20 30.77 -8.31
C ALA C 134 5.86 29.81 -7.35
N TYR C 135 6.09 28.58 -7.82
CA TYR C 135 6.72 27.57 -6.99
C TYR C 135 7.39 26.53 -7.87
N GLY C 136 8.46 25.95 -7.33
CA GLY C 136 9.25 25.01 -8.09
C GLY C 136 10.04 24.13 -7.14
N THR C 137 10.93 23.33 -7.75
CA THR C 137 11.69 22.33 -7.01
C THR C 137 13.13 22.32 -7.50
N LEU C 138 13.97 21.51 -6.84
CA LEU C 138 15.31 21.22 -7.31
C LEU C 138 15.28 20.29 -8.53
N ASP C 139 16.23 20.50 -9.43
CA ASP C 139 16.39 19.62 -10.58
C ASP C 139 17.08 18.31 -10.21
N SER C 140 16.88 17.31 -11.05
CA SER C 140 17.60 16.04 -10.99
C SER C 140 17.55 15.40 -9.61
N GLY C 141 16.50 15.71 -8.85
CA GLY C 141 16.32 15.17 -7.52
C GLY C 141 15.01 14.43 -7.38
N SER C 142 14.80 13.88 -6.18
CA SER C 142 13.63 13.05 -5.93
C SER C 142 12.36 13.89 -5.82
N THR C 143 12.47 15.15 -5.40
CA THR C 143 11.27 15.98 -5.30
C THR C 143 10.66 16.22 -6.67
N LYS C 144 11.49 16.60 -7.65
CA LYS C 144 10.99 16.80 -9.00
C LYS C 144 10.39 15.51 -9.55
N GLU C 145 11.10 14.40 -9.41
CA GLU C 145 10.60 13.13 -9.94
C GLU C 145 9.34 12.69 -9.23
N PHE C 146 9.20 12.99 -7.94
CA PHE C 146 7.95 12.72 -7.24
C PHE C 146 6.77 13.38 -7.95
N PHE C 147 6.89 14.68 -8.25
CA PHE C 147 5.80 15.39 -8.92
C PHE C 147 5.62 14.89 -10.35
N ARG C 148 6.74 14.61 -11.04
CA ARG C 148 6.64 14.11 -12.41
C ARG C 148 5.84 12.81 -12.46
N ARG C 149 6.02 11.93 -11.46
CA ARG C 149 5.41 10.62 -11.51
C ARG C 149 4.06 10.57 -10.80
N SER C 150 3.70 11.60 -10.05
CA SER C 150 2.56 11.51 -9.15
C SER C 150 1.24 11.54 -9.90
N LYS C 151 0.33 10.67 -9.48
CA LYS C 151 -1.05 10.64 -9.96
C LYS C 151 -2.02 11.15 -8.90
N ILE C 152 -1.51 11.73 -7.82
CA ILE C 152 -2.36 12.32 -6.79
C ILE C 152 -2.85 13.66 -7.30
N ALA C 153 -4.16 13.89 -7.22
CA ALA C 153 -4.79 14.99 -7.94
C ALA C 153 -4.09 16.31 -7.71
N VAL C 154 -3.84 16.67 -6.45
CA VAL C 154 -3.28 17.99 -6.15
C VAL C 154 -1.85 18.10 -6.68
N PHE C 155 -1.05 17.03 -6.52
CA PHE C 155 0.33 17.07 -6.97
C PHE C 155 0.45 16.99 -8.49
N ASP C 156 -0.49 16.30 -9.14
CA ASP C 156 -0.52 16.32 -10.60
C ASP C 156 -0.79 17.73 -11.12
N LYS C 157 -1.75 18.43 -10.49
CA LYS C 157 -2.04 19.81 -10.89
C LYS C 157 -0.81 20.70 -10.74
N MET C 158 -0.07 20.53 -9.64
CA MET C 158 1.12 21.32 -9.42
C MET C 158 2.18 21.02 -10.47
N TRP C 159 2.35 19.74 -10.83
CA TRP C 159 3.34 19.40 -11.83
C TRP C 159 2.99 19.99 -13.19
N THR C 160 1.71 19.92 -13.56
CA THR C 160 1.31 20.49 -14.84
C THR C 160 1.69 21.97 -14.92
N TYR C 161 1.54 22.71 -13.82
CA TYR C 161 1.96 24.10 -13.81
C TYR C 161 3.47 24.21 -13.84
N MET C 162 4.16 23.47 -12.96
CA MET C 162 5.61 23.67 -12.83
C MET C 162 6.34 23.28 -14.11
N ARG C 163 5.90 22.22 -14.77
CA ARG C 163 6.62 21.71 -15.93
C ARG C 163 6.61 22.71 -17.08
N SER C 164 5.60 23.57 -17.14
CA SER C 164 5.43 24.50 -18.25
C SER C 164 5.62 25.95 -17.87
N ALA C 165 5.83 26.24 -16.59
CA ALA C 165 5.97 27.63 -16.15
C ALA C 165 7.17 28.28 -16.80
N GLU C 166 7.00 29.54 -17.21
CA GLU C 166 8.06 30.35 -17.79
C GLU C 166 8.07 31.69 -17.09
N PRO C 167 9.23 32.18 -16.61
CA PRO C 167 10.55 31.50 -16.63
C PRO C 167 10.55 30.25 -15.75
N SER C 168 11.58 29.42 -15.91
CA SER C 168 11.67 28.17 -15.17
C SER C 168 11.51 28.42 -13.67
N VAL C 169 10.71 27.56 -13.02
CA VAL C 169 10.59 27.58 -11.57
C VAL C 169 11.59 26.64 -10.91
N PHE C 170 12.35 25.88 -11.68
CA PHE C 170 13.29 24.92 -11.13
C PHE C 170 14.65 25.56 -10.89
N VAL C 171 15.40 24.99 -9.94
CA VAL C 171 16.71 25.52 -9.56
C VAL C 171 17.74 24.39 -9.60
N ARG C 172 19.00 24.79 -9.68
CA ARG C 172 20.10 23.84 -9.80
C ARG C 172 20.60 23.35 -8.44
N THR C 173 20.44 24.16 -7.40
CA THR C 173 20.87 23.80 -6.07
C THR C 173 19.87 24.30 -5.05
N THR C 174 19.87 23.67 -3.88
CA THR C 174 19.04 24.13 -2.78
C THR C 174 19.31 25.59 -2.48
N ALA C 175 20.59 26.00 -2.49
CA ALA C 175 20.93 27.39 -2.20
C ALA C 175 20.27 28.35 -3.18
N GLU C 176 20.19 27.96 -4.46
CA GLU C 176 19.52 28.81 -5.44
C GLU C 176 18.03 28.95 -5.13
N GLY C 177 17.38 27.86 -4.72
CA GLY C 177 15.98 27.93 -4.35
C GLY C 177 15.71 28.80 -3.13
N VAL C 178 16.54 28.65 -2.10
CA VAL C 178 16.40 29.48 -0.91
C VAL C 178 16.61 30.94 -1.26
N ALA C 179 17.66 31.24 -2.02
CA ALA C 179 17.92 32.62 -2.39
C ALA C 179 16.73 33.20 -3.16
N ARG C 180 16.12 32.38 -4.02
CA ARG C 180 14.97 32.84 -4.80
C ARG C 180 13.79 33.18 -3.90
N VAL C 181 13.52 32.33 -2.90
CA VAL C 181 12.49 32.65 -1.90
C VAL C 181 12.79 34.01 -1.26
N ARG C 182 14.03 34.20 -0.80
CA ARG C 182 14.34 35.37 0.01
C ARG C 182 14.30 36.67 -0.78
N LYS C 183 14.56 36.62 -2.09
CA LYS C 183 14.61 37.84 -2.88
C LYS C 183 13.34 38.09 -3.68
N SER C 184 12.35 37.19 -3.61
CA SER C 184 11.17 37.30 -4.46
C SER C 184 9.99 37.97 -3.77
N LYS C 185 10.20 38.57 -2.59
CA LYS C 185 9.19 39.37 -1.93
C LYS C 185 7.89 38.59 -1.69
N GLY C 186 8.01 37.28 -1.51
CA GLY C 186 6.87 36.44 -1.23
C GLY C 186 6.19 35.84 -2.44
N LYS C 187 6.68 36.11 -3.64
CA LYS C 187 6.05 35.62 -4.87
C LYS C 187 6.67 34.33 -5.37
N TYR C 188 7.56 33.72 -4.60
CA TYR C 188 8.11 32.40 -4.92
C TYR C 188 8.12 31.57 -3.65
N ALA C 189 7.59 30.35 -3.76
CA ALA C 189 7.65 29.35 -2.70
C ALA C 189 8.47 28.18 -3.23
N TYR C 190 9.27 27.58 -2.37
CA TYR C 190 10.19 26.53 -2.76
C TYR C 190 9.73 25.21 -2.15
N LEU C 191 9.67 24.18 -3.00
CA LEU C 191 9.31 22.83 -2.57
C LEU C 191 10.60 22.04 -2.36
N LEU C 192 10.85 21.64 -1.13
CA LEU C 192 12.08 20.97 -0.79
C LEU C 192 11.83 20.10 0.43
N GLU C 193 12.82 19.26 0.73
CA GLU C 193 12.66 18.28 1.79
C GLU C 193 12.69 18.96 3.15
N SER C 194 11.86 18.44 4.06
CA SER C 194 11.59 19.09 5.34
C SER C 194 12.86 19.29 6.15
N THR C 195 13.80 18.36 6.05
CA THR C 195 15.07 18.48 6.74
C THR C 195 15.81 19.75 6.35
N MET C 196 15.96 19.98 5.03
CA MET C 196 16.66 21.17 4.58
C MET C 196 15.85 22.43 4.89
N ASN C 197 14.54 22.34 4.76
CA ASN C 197 13.66 23.44 5.13
C ASN C 197 13.85 23.84 6.60
N GLU C 198 13.82 22.84 7.49
CA GLU C 198 13.93 23.12 8.94
C GLU C 198 15.31 23.61 9.32
N TYR C 199 16.34 23.21 8.58
CA TYR C 199 17.67 23.76 8.82
C TYR C 199 17.71 25.25 8.48
N ILE C 200 17.24 25.61 7.27
CA ILE C 200 17.29 26.99 6.80
C ILE C 200 16.43 27.87 7.69
N GLU C 201 15.32 27.33 8.21
CA GLU C 201 14.48 28.06 9.14
C GLU C 201 15.23 28.53 10.38
N GLN C 202 16.33 27.86 10.73
CA GLN C 202 17.12 28.23 11.90
C GLN C 202 18.38 29.03 11.55
N ARG C 203 18.49 29.51 10.33
CA ARG C 203 19.66 30.26 9.88
C ARG C 203 19.29 31.71 9.60
N LYS C 204 20.19 32.64 9.95
CA LYS C 204 20.02 34.03 9.58
C LYS C 204 19.88 34.15 8.06
N PRO C 205 19.10 35.13 7.57
CA PRO C 205 18.43 36.18 8.34
C PRO C 205 17.07 35.82 8.91
N CYS C 206 16.80 34.52 9.09
CA CYS C 206 15.61 34.06 9.79
C CYS C 206 14.33 34.58 9.14
N ASP C 207 14.28 34.56 7.82
CA ASP C 207 13.17 35.15 7.09
C ASP C 207 12.34 34.14 6.30
N THR C 208 12.61 32.86 6.46
CA THR C 208 11.84 31.79 5.83
C THR C 208 11.17 30.93 6.90
N MET C 209 10.17 30.16 6.48
CA MET C 209 9.57 29.20 7.40
C MET C 209 8.94 28.06 6.62
N LYS C 210 8.89 26.90 7.26
CA LYS C 210 8.19 25.74 6.74
C LYS C 210 6.73 25.88 7.12
N VAL C 211 5.84 25.69 6.15
CA VAL C 211 4.40 25.85 6.40
C VAL C 211 3.68 24.58 5.99
N GLY C 212 2.65 24.21 6.74
CA GLY C 212 1.83 23.07 6.42
C GLY C 212 2.49 21.75 6.76
N GLY C 213 1.74 20.68 6.54
CA GLY C 213 2.28 19.36 6.71
C GLY C 213 3.16 18.98 5.54
N ASN C 214 3.89 17.89 5.74
CA ASN C 214 4.71 17.37 4.64
C ASN C 214 3.80 16.72 3.61
N LEU C 215 4.26 16.72 2.36
CA LEU C 215 3.47 16.17 1.27
C LEU C 215 3.62 14.67 1.15
N ASP C 216 4.73 14.11 1.63
CA ASP C 216 4.92 12.66 1.62
C ASP C 216 5.84 12.31 2.78
N SER C 217 6.18 11.02 2.90
CA SER C 217 7.00 10.55 4.01
C SER C 217 8.01 9.54 3.50
N LYS C 218 9.29 9.82 3.72
CA LYS C 218 10.32 8.89 3.23
C LYS C 218 11.56 9.11 4.06
N GLY C 219 12.71 8.72 3.49
CA GLY C 219 13.94 8.85 4.24
C GLY C 219 15.14 8.82 3.32
N TYR C 220 16.25 9.18 3.92
CA TYR C 220 17.57 9.05 3.32
C TYR C 220 18.18 7.74 3.76
N GLY C 221 18.90 7.08 2.85
CA GLY C 221 19.66 5.90 3.19
C GLY C 221 21.07 5.97 2.61
N ILE C 222 21.96 5.17 3.19
CA ILE C 222 23.30 5.02 2.65
C ILE C 222 23.22 4.04 1.49
N ALA C 223 23.80 4.42 0.35
CA ALA C 223 23.64 3.66 -0.88
C ALA C 223 24.96 3.00 -1.29
N THR C 224 24.85 1.80 -1.82
CA THR C 224 25.97 1.02 -2.31
C THR C 224 25.62 0.44 -3.66
N PRO C 225 26.60 0.09 -4.49
CA PRO C 225 26.29 -0.58 -5.76
C PRO C 225 25.57 -1.90 -5.49
N LYS C 226 24.73 -2.28 -6.45
CA LYS C 226 23.94 -3.50 -6.30
C LYS C 226 24.85 -4.68 -6.02
N GLY C 227 24.53 -5.41 -4.96
CA GLY C 227 25.30 -6.59 -4.62
C GLY C 227 26.62 -6.33 -3.93
N SER C 228 26.90 -5.10 -3.52
CA SER C 228 28.17 -4.80 -2.86
C SER C 228 28.28 -5.54 -1.54
N SER C 229 29.50 -6.00 -1.23
CA SER C 229 29.76 -6.66 0.04
C SER C 229 29.64 -5.73 1.24
N LEU C 230 29.68 -4.42 1.01
CA LEU C 230 29.59 -3.48 2.12
C LEU C 230 28.16 -3.29 2.62
N GLY C 231 27.16 -3.62 1.82
CA GLY C 231 25.79 -3.25 2.16
C GLY C 231 25.32 -3.81 3.48
N ASN C 232 25.61 -5.09 3.75
CA ASN C 232 25.10 -5.72 4.96
C ASN C 232 25.64 -5.02 6.21
N ALA C 233 26.96 -4.83 6.28
CA ALA C 233 27.55 -4.21 7.47
C ALA C 233 27.06 -2.78 7.64
N VAL C 234 26.95 -2.04 6.53
CA VAL C 234 26.50 -0.66 6.60
C VAL C 234 25.08 -0.58 7.13
N ASN C 235 24.20 -1.45 6.65
CA ASN C 235 22.82 -1.48 7.11
C ASN C 235 22.74 -1.74 8.62
N LEU C 236 23.46 -2.74 9.10
CA LEU C 236 23.46 -3.00 10.53
C LEU C 236 24.06 -1.82 11.29
N ALA C 237 25.08 -1.17 10.73
CA ALA C 237 25.68 -0.04 11.43
C ALA C 237 24.69 1.11 11.58
N VAL C 238 23.91 1.38 10.54
CA VAL C 238 22.87 2.41 10.62
C VAL C 238 21.88 2.08 11.72
N LEU C 239 21.41 0.83 11.75
CA LEU C 239 20.47 0.42 12.79
C LEU C 239 21.10 0.55 14.18
N LYS C 240 22.38 0.20 14.32
CA LYS C 240 23.04 0.33 15.62
C LYS C 240 23.12 1.79 16.04
N LEU C 241 23.54 2.67 15.12
CA LEU C 241 23.64 4.09 15.45
C LEU C 241 22.28 4.69 15.78
N SER C 242 21.24 4.27 15.05
CA SER C 242 19.89 4.68 15.38
C SER C 242 19.51 4.27 16.79
N GLU C 243 19.69 2.99 17.12
CA GLU C 243 19.24 2.48 18.40
C GLU C 243 20.05 3.09 19.54
N GLN C 244 21.30 3.47 19.29
CA GLN C 244 22.11 4.10 20.35
C GLN C 244 21.77 5.57 20.57
N GLY C 245 20.93 6.16 19.72
CA GLY C 245 20.62 7.57 19.84
C GLY C 245 21.63 8.49 19.16
N LEU C 246 22.64 7.93 18.50
CA LEU C 246 23.67 8.77 17.86
C LEU C 246 23.08 9.59 16.72
N LEU C 247 22.17 9.00 15.94
CA LEU C 247 21.58 9.76 14.85
C LEU C 247 20.78 10.94 15.36
N ASP C 248 20.03 10.76 16.46
CA ASP C 248 19.34 11.88 17.10
C ASP C 248 20.32 12.93 17.61
N LYS C 249 21.43 12.49 18.20
CA LYS C 249 22.45 13.41 18.68
C LYS C 249 23.02 14.25 17.54
N LEU C 250 23.30 13.62 16.39
CA LEU C 250 23.89 14.33 15.27
C LEU C 250 22.89 15.32 14.64
N LYS C 251 21.61 14.96 14.56
CA LYS C 251 20.66 15.92 14.03
C LYS C 251 20.63 17.18 14.92
N ASN C 252 20.51 17.00 16.24
CA ASN C 252 20.54 18.15 17.14
C ASN C 252 21.82 18.95 17.00
N LYS C 253 22.95 18.26 16.84
CA LYS C 253 24.22 18.96 16.72
C LYS C 253 24.22 19.90 15.51
N TRP C 254 23.71 19.44 14.38
CA TRP C 254 23.88 20.18 13.13
C TRP C 254 22.67 21.04 12.76
N TRP C 255 21.51 20.80 13.36
CA TRP C 255 20.34 21.61 13.06
C TRP C 255 20.07 22.68 14.12
N TYR C 256 20.09 22.29 15.39
CA TYR C 256 19.49 23.09 16.45
C TYR C 256 20.44 23.60 17.51
N ASP C 257 21.49 22.85 17.87
CA ASP C 257 22.37 23.31 18.94
C ASP C 257 22.94 24.70 18.67
N LYS C 258 23.35 24.97 17.44
CA LYS C 258 23.84 26.30 17.08
C LYS C 258 22.87 27.08 16.19
N GLY C 259 21.58 26.78 16.26
CA GLY C 259 20.62 27.53 15.48
C GLY C 259 20.76 29.01 15.75
N GLU C 260 20.58 29.81 14.70
CA GLU C 260 20.85 31.24 14.75
C GLU C 260 19.61 32.10 14.93
N CYS C 261 18.45 31.49 15.10
CA CYS C 261 17.19 32.22 15.20
C CYS C 261 16.54 32.00 16.56
N GLY C 262 17.38 31.90 17.60
CA GLY C 262 16.89 31.76 18.97
C GLY C 262 16.79 30.32 19.44
ZN ZN D . -4.91 4.08 -22.78
ZN ZN E . -32.70 2.50 -14.80
AS CAC F . -3.59 -2.67 -8.59
O1 CAC F . -3.67 -2.53 -6.88
O2 CAC F . -5.11 -3.38 -9.10
C1 CAC F . -3.22 -1.01 -9.52
C2 CAC F . -2.19 -3.98 -9.09
C ACT G . -13.07 3.22 -2.34
O ACT G . -11.98 3.07 -2.99
OXT ACT G . -13.88 2.35 -1.87
CH3 ACT G . -13.42 4.68 -2.08
C ACT H . -35.94 1.46 -6.01
O ACT H . -34.70 1.56 -6.28
OXT ACT H . -36.56 1.83 -4.96
CH3 ACT H . -36.78 0.86 -7.14
N GLU I . -19.69 -11.24 -18.08
CA GLU I . -18.27 -10.82 -17.84
C GLU I . -17.31 -11.78 -18.56
O GLU I . -17.75 -12.70 -19.24
CB GLU I . -17.94 -10.75 -16.35
CG GLU I . -18.51 -9.53 -15.64
CD GLU I . -17.83 -8.25 -15.99
OE1 GLU I . -16.66 -8.30 -16.49
OE2 GLU I . -18.43 -7.18 -15.79
OXT GLU I . -16.09 -11.62 -18.45
C11 QSZ J . -23.61 -4.77 -32.29
C12 QSZ J . -24.95 -4.63 -31.64
C10 QSZ J . -24.27 -5.98 -31.67
C9 QSZ J . -25.77 -6.97 -29.23
C8 QSZ J . -26.69 -7.69 -28.45
C7 QSZ J . -26.40 -9.01 -28.06
C6 QSZ J . -25.21 -9.60 -28.47
O2 QSZ J . -23.13 -11.09 -30.07
C5 QSZ J . -24.29 -8.88 -29.25
C4 QSZ J . -24.55 -7.55 -29.64
C3 QSZ J . -22.31 -8.87 -31.22
C2 QSZ J . -23.56 -6.70 -30.50
C1 QSZ J . -22.24 -7.38 -30.96
O1 QSZ J . -21.82 -9.44 -28.63
F1 QSZ J . -27.28 -9.69 -27.31
S1 QSZ J . -22.78 -9.71 -29.70
H10 QSZ J . -23.58 -4.73 -33.26
H11 QSZ J . -22.85 -4.38 -31.84
H13 QSZ J . -24.97 -4.10 -30.82
H12 QSZ J . -25.70 -4.46 -32.24
H9 QSZ J . -24.66 -6.59 -32.30
H8 QSZ J . -25.97 -6.09 -29.45
H7 QSZ J . -27.49 -7.29 -28.19
H6 QSZ J . -25.01 -10.48 -28.22
H3 QSZ J . -22.97 -9.09 -31.89
H4 QSZ J . -21.45 -9.24 -31.49
H5 QSZ J . -23.24 -6.01 -29.91
H2 QSZ J . -21.91 -6.98 -31.79
H1 QSZ J . -21.53 -7.25 -30.31
C1 QSW K . -22.25 -7.12 -30.47
C3 QSW K . -21.84 -8.56 -30.72
C4 QSW K . -24.67 -7.63 -29.73
C5 QSW K . -24.28 -8.88 -29.21
C7 QSW K . -26.35 -9.08 -27.99
C8 QSW K . -26.77 -7.84 -28.49
C9 QSW K . -25.92 -7.13 -29.34
C10 QSW K . -24.13 -5.35 -30.78
C11 QSW K . -25.31 -4.93 -31.64
C12 QSW K . -23.92 -4.48 -32.02
C6 QSW K . -25.12 -9.60 -28.34
C2 QSW K . -23.77 -6.81 -30.69
F1 QSW K . -27.14 -9.78 -27.15
O1 QSW K . -21.98 -9.73 -28.27
O2 QSW K . -22.96 -10.90 -30.29
S1 QSW K . -22.70 -9.65 -29.57
C1 GOL L . -6.39 -22.65 -28.46
O1 GOL L . -6.83 -23.87 -27.91
C2 GOL L . -5.14 -22.20 -27.70
O2 GOL L . -4.61 -21.02 -28.25
C3 GOL L . -5.60 -22.02 -26.25
O3 GOL L . -4.44 -21.79 -25.46
C1 GOL M . -40.27 -8.32 -24.92
O1 GOL M . -40.66 -9.03 -23.78
C2 GOL M . -38.79 -7.96 -24.74
O2 GOL M . -37.95 -8.73 -25.56
C3 GOL M . -38.73 -6.45 -25.07
O3 GOL M . -37.36 -6.09 -25.15
C1 GOL N . -37.94 1.72 0.01
O1 GOL N . -37.15 2.11 -1.09
C2 GOL N . -37.58 2.61 1.20
O2 GOL N . -36.86 3.75 0.83
C3 GOL N . -36.77 1.71 2.15
O3 GOL N . -35.63 1.29 1.43
CL CL O . -12.45 -11.02 -23.31
CL CL P . -30.82 -32.55 -14.05
CL CL Q . -39.69 -21.57 -15.09
ZN ZN R . -2.28 -1.84 -5.72
ZN ZN S . -15.02 -13.98 17.69
ZN ZN T . -1.15 14.06 19.93
ZN ZN U . 11.07 -8.29 45.66
C ACT V . -0.55 0.25 38.65
O ACT V . 0.54 -0.33 38.96
OXT ACT V . -1.49 -0.11 37.87
CH3 ACT V . -0.75 1.63 39.33
C ACT W . -15.03 -11.69 17.60
O ACT W . -13.81 -11.93 17.83
OXT ACT W . -16.00 -12.50 17.47
CH3 ACT W . -15.38 -10.19 17.48
N GLU X . 6.08 -3.51 17.49
CA GLU X . 6.75 -4.11 18.66
C GLU X . 7.66 -5.24 18.25
O GLU X . 7.81 -5.52 17.08
CB GLU X . 5.71 -4.62 19.69
CG GLU X . 5.03 -3.52 20.52
CD GLU X . 5.98 -2.88 21.50
OE1 GLU X . 7.00 -3.50 21.84
OE2 GLU X . 5.68 -1.75 21.94
OXT GLU X . 8.22 -5.91 19.10
C11 QSZ Y . 16.71 7.21 11.91
C12 QSZ Y . 15.48 7.90 11.38
C10 QSZ Y . 15.74 6.44 11.05
C9 QSZ Y . 12.72 6.12 10.85
C8 QSZ Y . 11.44 5.97 10.24
C7 QSZ Y . 11.03 4.71 9.78
C6 QSZ Y . 11.88 3.61 9.91
O2 QSZ Y . 14.07 1.56 9.35
C5 QSZ Y . 13.15 3.75 10.50
C4 QSZ Y . 13.60 5.02 10.99
C3 QSZ Y . 15.83 2.95 10.75
C2 QSZ Y . 14.97 5.24 11.65
C1 QSZ Y . 15.89 3.99 11.85
O1 QSZ Y . 13.80 1.62 11.89
F1 QSZ Y . 9.82 4.56 9.20
S1 QSZ Y . 14.15 2.29 10.63
C1 QSW Z . 15.81 3.95 11.95
C3 QSW Z . 15.91 2.75 11.04
C4 QSW Z . 13.75 5.00 10.75
C5 QSW Z . 13.25 3.71 10.44
C7 QSW Z . 11.08 4.61 9.86
C8 QSW Z . 11.56 5.90 10.13
C9 QSW Z . 12.89 6.10 10.57
C10 QSW Z . 15.38 6.51 12.02
C11 QSW Z . 16.74 7.14 12.10
C12 QSW Z . 15.62 7.87 11.42
C6 QSW Z . 11.93 3.53 10.02
C2 QSW Z . 15.20 5.22 11.26
F1 QSW Z . 9.81 4.38 9.42
O1 QSW Z . 13.62 1.47 11.78
O2 QSW Z . 14.35 1.58 9.33
S1 QSW Z . 14.21 2.23 10.65
CL CL AA . 14.38 -6.47 18.94
ZN ZN BA . 38.07 27.54 -0.82
ZN ZN CA . 30.07 4.54 17.19
C ACT DA . 39.93 25.79 -1.59
O ACT DA . 39.04 24.92 -1.69
OXT ACT DA . 39.79 27.06 -1.46
CH3 ACT DA . 41.39 25.29 -1.62
N GLU EA . 17.34 14.31 -1.40
CA GLU EA . 16.92 14.55 -2.79
C GLU EA . 17.42 13.41 -3.68
O GLU EA . 17.99 12.44 -3.23
CB GLU EA . 17.43 15.88 -3.31
CG GLU EA . 16.66 17.09 -2.76
CD GLU EA . 15.29 17.28 -3.40
OE1 GLU EA . 15.06 16.68 -4.48
OE2 GLU EA . 14.47 18.04 -2.84
OXT GLU EA . 17.28 13.50 -4.88
C11 QSZ FA . 5.87 4.88 4.93
C12 QSZ FA . 6.35 5.42 6.25
C10 QSZ FA . 7.34 4.81 5.25
C9 QSZ FA . 9.38 6.81 6.38
C8 QSZ FA . 10.48 7.26 7.15
C7 QSZ FA . 11.78 6.97 6.73
C6 QSZ FA . 12.00 6.24 5.56
O2 QSZ FA . 12.35 3.92 3.60
C5 QSZ FA . 10.91 5.79 4.79
C4 QSZ FA . 9.57 6.08 5.19
C3 QSZ FA . 9.75 3.97 3.00
C2 QSZ FA . 8.32 5.61 4.40
C1 QSZ FA . 8.63 4.99 2.99
O1 QSZ FA . 11.50 5.90 2.24
F1 QSZ FA . 12.84 7.40 7.47
S1 QSZ FA . 11.28 4.89 3.30
C1 QSW GA . 8.63 4.98 3.00
C3 QSW GA . 9.77 4.07 2.62
C4 QSW GA . 9.64 5.74 5.24
C5 QSW GA . 10.95 5.65 4.70
C7 QSW GA . 11.86 6.92 6.54
C8 QSW GA . 10.57 7.03 7.10
C9 QSW GA . 9.48 6.44 6.45
C10 QSW GA . 7.10 5.71 4.98
C11 QSW GA . 6.44 5.18 6.25
C12 QSW GA . 5.75 5.03 4.93
C6 QSW GA . 12.04 6.23 5.35
C2 QSW GA . 8.41 5.11 4.54
F1 QSW GA . 12.93 7.49 7.14
O1 QSW GA . 11.75 5.90 2.20
O2 QSW GA . 12.27 3.74 3.42
S1 QSW GA . 11.33 4.82 3.16
C1 GOL HA . 27.36 23.09 13.89
O1 GOL HA . 26.29 23.91 14.31
C2 GOL HA . 28.29 22.87 15.10
O2 GOL HA . 27.89 21.79 15.88
C3 GOL HA . 29.70 22.67 14.49
O3 GOL HA . 30.35 21.69 15.27
C1 GOL IA . 8.03 41.26 1.70
O1 GOL IA . 8.07 39.88 1.94
C2 GOL IA . 6.57 41.71 1.83
O2 GOL IA . 5.76 41.19 0.83
C3 GOL IA . 6.61 43.25 1.77
O3 GOL IA . 6.45 43.72 3.08
C1 GOL JA . 14.09 10.98 18.92
O1 GOL JA . 13.89 10.37 17.67
C2 GOL JA . 13.59 12.42 18.80
O2 GOL JA . 12.21 12.51 19.01
C3 GOL JA . 14.39 13.21 19.85
O3 GOL JA . 15.53 13.74 19.19
CL CL KA . 13.81 8.89 -8.01
#